data_3KAJ
#
_entry.id   3KAJ
#
_cell.length_a   64.957
_cell.length_b   80.549
_cell.length_c   89.995
_cell.angle_alpha   90.00
_cell.angle_beta   96.94
_cell.angle_gamma   90.00
#
_symmetry.space_group_name_H-M   'P 1 21 1'
#
loop_
_entity.id
_entity.type
_entity.pdbx_description
1 polymer 'Homoglutathione synthetase'
2 water water
#
_entity_poly.entity_id   1
_entity_poly.type   'polypeptide(L)'
_entity_poly.pdbx_seq_one_letter_code
;MSQPLTTNSVLVEEAAADGDSSAAAPPLFDYHRIDQKLLQNIVYDALVWSTLNCLLVGDKSVQRSGRVPGVGLVHLPLSL
LPGPFPESHWKQGCELAPIFNELVDRVSLDGKFLQESLSRTKNADEFTSRLLDIHSKMLQINKKEDIRMGIVRSDYMIDE
KTKSLLQIEMNTISTSFALIGCLMTGLHKSLLSQYGKFLGLNSNRVPANNAVDQSAEALAKAWSEYNNPRAAILVVVQVE
ERNMYEQHYISALLREKHHIRSIRKTLTEIDQEGKILPDGTLSVDGQAISVVYFRAGYTPKDYPSESEWRARLLMEQSSA
IKCPTISYHLVGTKKIQQELAKPGVLERFVENKDHIAKLRACFAGLWSLEDSDIVKKAIENPELFVMKPQREGGGNNIYG
DELRETLLKLQEAGSQEDAAYILMQRIFPATSPAILVRDGNWDTGHVISEAGIFGTYLRNKDKIIINNESGYMVRTKISS
SYEGGVLPGFGVVDTVYLT
;
_entity_poly.pdbx_strand_id   A,B
#
# COMPACT_ATOMS: atom_id res chain seq x y z
N PHE A 29 6.10 -28.44 0.26
CA PHE A 29 7.47 -28.60 0.81
C PHE A 29 8.46 -28.38 -0.36
N ASP A 30 8.49 -29.38 -1.23
CA ASP A 30 9.02 -29.18 -2.55
C ASP A 30 7.94 -28.47 -3.35
N TYR A 31 7.96 -27.16 -3.24
CA TYR A 31 7.19 -26.24 -4.03
C TYR A 31 7.46 -26.35 -5.55
N HIS A 32 8.59 -26.96 -5.94
CA HIS A 32 8.89 -27.10 -7.39
C HIS A 32 7.94 -28.09 -8.05
N ARG A 33 7.33 -28.93 -7.26
CA ARG A 33 6.47 -30.02 -7.69
C ARG A 33 4.97 -29.59 -7.78
N ILE A 34 4.69 -28.30 -7.61
CA ILE A 34 3.31 -27.76 -7.71
C ILE A 34 3.06 -27.38 -9.14
N ASP A 35 1.88 -27.73 -9.66
CA ASP A 35 1.55 -27.48 -11.06
C ASP A 35 1.83 -26.06 -11.47
N GLN A 36 2.42 -25.90 -12.65
CA GLN A 36 2.82 -24.57 -13.08
C GLN A 36 1.70 -23.51 -13.14
N LYS A 37 0.51 -23.94 -13.53
CA LYS A 37 -0.59 -23.00 -13.75
C LYS A 37 -1.17 -22.61 -12.39
N LEU A 38 -1.17 -23.57 -11.48
CA LEU A 38 -1.52 -23.31 -10.10
C LEU A 38 -0.56 -22.30 -9.44
N LEU A 39 0.76 -22.53 -9.55
CA LEU A 39 1.81 -21.54 -9.12
C LEU A 39 1.61 -20.14 -9.69
N GLN A 40 1.32 -20.04 -10.98
N GLN A 40 1.29 -20.07 -11.00
CA GLN A 40 1.01 -18.72 -11.55
CA GLN A 40 0.94 -18.78 -11.68
C GLN A 40 -0.13 -18.07 -10.76
C GLN A 40 -0.22 -18.08 -10.95
N ASN A 41 -1.15 -18.86 -10.41
CA ASN A 41 -2.33 -18.33 -9.69
C ASN A 41 -1.87 -17.80 -8.32
N ILE A 42 -1.05 -18.57 -7.62
CA ILE A 42 -0.60 -18.17 -6.32
C ILE A 42 0.26 -16.92 -6.40
N VAL A 43 1.15 -16.87 -7.37
CA VAL A 43 2.02 -15.72 -7.60
C VAL A 43 1.19 -14.47 -7.92
N TYR A 44 0.18 -14.63 -8.73
CA TYR A 44 -0.68 -13.50 -9.04
C TYR A 44 -1.32 -12.97 -7.77
N ASP A 45 -1.78 -13.85 -6.87
CA ASP A 45 -2.43 -13.43 -5.63
C ASP A 45 -1.42 -12.72 -4.74
N ALA A 46 -0.15 -13.15 -4.79
CA ALA A 46 0.89 -12.53 -3.96
C ALA A 46 1.21 -11.12 -4.40
N LEU A 47 1.22 -10.93 -5.73
CA LEU A 47 1.59 -9.64 -6.33
C LEU A 47 0.48 -8.65 -6.01
N VAL A 48 -0.75 -9.14 -6.11
CA VAL A 48 -1.99 -8.39 -5.69
C VAL A 48 -1.86 -7.97 -4.22
N TRP A 49 -1.62 -8.95 -3.31
CA TRP A 49 -1.61 -8.71 -1.83
C TRP A 49 -0.48 -7.75 -1.48
N SER A 50 0.65 -7.97 -2.13
CA SER A 50 1.81 -7.07 -1.96
C SER A 50 1.52 -5.59 -2.23
N THR A 51 0.80 -5.31 -3.32
CA THR A 51 0.46 -3.91 -3.72
C THR A 51 -0.59 -3.31 -2.72
N LEU A 52 -1.59 -4.09 -2.37
CA LEU A 52 -2.67 -3.61 -1.49
C LEU A 52 -2.15 -3.30 -0.09
N ASN A 53 -1.11 -4.02 0.32
CA ASN A 53 -0.58 -3.87 1.68
C ASN A 53 0.81 -3.25 1.80
N CYS A 54 1.28 -2.63 0.73
CA CYS A 54 2.57 -1.87 0.68
C CYS A 54 3.79 -2.75 1.01
N LEU A 55 3.82 -3.93 0.40
CA LEU A 55 5.09 -4.73 0.34
C LEU A 55 5.85 -4.27 -0.92
N LEU A 56 6.24 -2.99 -0.90
CA LEU A 56 6.69 -2.27 -2.08
C LEU A 56 7.97 -1.57 -1.74
N VAL A 57 8.85 -1.48 -2.71
CA VAL A 57 10.02 -0.58 -2.52
C VAL A 57 10.18 0.23 -3.81
N GLY A 58 10.94 1.32 -3.75
CA GLY A 58 11.31 2.02 -5.01
C GLY A 58 12.03 1.02 -5.89
N ASP A 59 11.74 1.07 -7.20
CA ASP A 59 12.38 0.26 -8.23
C ASP A 59 13.77 0.86 -8.55
N LYS A 60 14.80 0.10 -8.25
CA LYS A 60 16.21 0.52 -8.50
C LYS A 60 16.47 0.81 -9.97
N SER A 61 15.70 0.18 -10.84
CA SER A 61 15.69 0.56 -12.26
C SER A 61 15.04 1.92 -12.55
N VAL A 62 14.30 2.49 -11.58
CA VAL A 62 13.66 3.79 -11.80
C VAL A 62 14.40 4.91 -11.05
N GLN A 63 14.71 5.94 -11.83
CA GLN A 63 15.57 7.07 -11.48
C GLN A 63 15.41 7.72 -10.08
N ARG A 64 14.24 8.30 -9.82
CA ARG A 64 13.92 9.06 -8.61
C ARG A 64 13.34 8.22 -7.42
N SER A 65 13.35 6.90 -7.55
CA SER A 65 12.52 6.06 -6.65
C SER A 65 13.03 5.93 -5.18
N GLY A 66 14.26 6.34 -4.96
CA GLY A 66 14.84 6.35 -3.63
C GLY A 66 14.80 7.72 -3.03
N ARG A 67 14.15 8.66 -3.75
CA ARG A 67 14.02 10.03 -3.28
C ARG A 67 12.58 10.56 -3.25
N VAL A 68 11.83 10.24 -4.30
CA VAL A 68 10.47 10.78 -4.46
C VAL A 68 9.51 9.66 -4.07
N PRO A 69 8.73 9.85 -2.99
CA PRO A 69 7.75 8.80 -2.64
C PRO A 69 6.71 8.67 -3.74
N GLY A 70 6.10 7.51 -3.87
CA GLY A 70 4.94 7.45 -4.76
C GLY A 70 5.30 7.16 -6.21
N VAL A 71 6.58 7.19 -6.55
CA VAL A 71 6.98 6.90 -7.94
C VAL A 71 7.90 5.70 -8.06
N GLY A 72 7.73 4.92 -9.14
CA GLY A 72 8.70 3.88 -9.49
C GLY A 72 8.66 2.72 -8.51
N LEU A 73 7.49 2.21 -8.22
CA LEU A 73 7.36 1.16 -7.21
C LEU A 73 7.24 -0.20 -7.85
N VAL A 74 7.73 -1.20 -7.09
CA VAL A 74 7.64 -2.62 -7.43
C VAL A 74 7.54 -3.40 -6.10
N HIS A 75 6.91 -4.54 -6.14
CA HIS A 75 6.76 -5.39 -4.98
C HIS A 75 8.16 -5.79 -4.56
N LEU A 76 8.34 -6.13 -3.28
CA LEU A 76 9.69 -6.62 -2.82
C LEU A 76 10.01 -7.95 -3.48
N PRO A 77 11.28 -8.21 -3.92
CA PRO A 77 11.59 -9.61 -4.22
C PRO A 77 11.26 -10.53 -3.02
N LEU A 78 10.52 -11.60 -3.27
CA LEU A 78 9.99 -12.39 -2.19
C LEU A 78 10.02 -13.89 -2.51
N SER A 79 10.02 -14.70 -1.45
CA SER A 79 9.73 -16.11 -1.60
C SER A 79 8.24 -16.37 -1.48
N LEU A 80 7.70 -17.11 -2.46
CA LEU A 80 6.25 -17.29 -2.58
C LEU A 80 5.63 -17.95 -1.35
N LEU A 81 6.32 -18.96 -0.81
CA LEU A 81 5.80 -19.82 0.26
C LEU A 81 6.97 -20.13 1.20
N PRO A 82 6.73 -20.19 2.52
CA PRO A 82 7.80 -20.24 3.52
C PRO A 82 8.46 -21.62 3.53
N GLY A 83 9.73 -21.67 3.85
CA GLY A 83 10.47 -22.90 3.97
C GLY A 83 10.35 -23.38 5.39
N PRO A 84 10.59 -24.66 5.62
CA PRO A 84 10.40 -25.17 6.98
C PRO A 84 11.54 -24.78 7.89
N PHE A 85 11.24 -24.84 9.18
CA PHE A 85 12.15 -24.40 10.20
C PHE A 85 11.55 -25.04 11.48
N PRO A 86 12.37 -25.83 12.19
CA PRO A 86 11.97 -26.57 13.40
C PRO A 86 11.48 -25.65 14.49
N GLU A 87 10.32 -25.96 15.02
CA GLU A 87 9.75 -25.19 16.11
C GLU A 87 10.66 -25.13 17.32
N SER A 88 11.41 -26.21 17.58
CA SER A 88 12.32 -26.19 18.74
C SER A 88 13.38 -25.12 18.58
N HIS A 89 13.86 -24.91 17.34
CA HIS A 89 14.91 -23.96 17.06
C HIS A 89 14.37 -22.54 16.96
N TRP A 90 13.15 -22.43 16.46
CA TRP A 90 12.46 -21.15 16.51
C TRP A 90 12.39 -20.64 17.94
N LYS A 91 11.98 -21.52 18.84
CA LYS A 91 11.82 -21.14 20.23
C LYS A 91 13.10 -20.75 20.89
N GLN A 92 14.17 -21.50 20.56
CA GLN A 92 15.48 -21.16 21.01
C GLN A 92 15.90 -19.75 20.63
N GLY A 93 15.58 -19.40 19.38
CA GLY A 93 15.80 -18.03 18.83
C GLY A 93 15.00 -16.99 19.60
N CYS A 94 13.74 -17.31 19.92
CA CYS A 94 12.86 -16.44 20.72
C CYS A 94 13.50 -16.16 22.07
N GLU A 95 13.87 -17.24 22.75
CA GLU A 95 14.41 -17.19 24.12
C GLU A 95 15.65 -16.30 24.22
N LEU A 96 16.47 -16.38 23.18
CA LEU A 96 17.74 -15.70 23.15
C LEU A 96 17.63 -14.19 22.92
N ALA A 97 16.52 -13.74 22.38
CA ALA A 97 16.37 -12.29 22.10
C ALA A 97 16.63 -11.39 23.32
N PRO A 98 15.88 -11.59 24.43
CA PRO A 98 16.13 -10.75 25.57
C PRO A 98 17.54 -11.00 26.20
N ILE A 99 18.07 -12.20 26.02
CA ILE A 99 19.39 -12.48 26.64
C ILE A 99 20.46 -11.69 25.80
N PHE A 100 20.30 -11.68 24.47
CA PHE A 100 21.15 -10.83 23.59
C PHE A 100 20.99 -9.33 23.88
N ASN A 101 19.76 -8.86 24.02
CA ASN A 101 19.57 -7.45 24.40
C ASN A 101 20.40 -7.05 25.63
N GLU A 102 20.34 -7.91 26.64
CA GLU A 102 21.07 -7.63 27.86
C GLU A 102 22.59 -7.73 27.68
N LEU A 103 23.05 -8.74 26.92
CA LEU A 103 24.51 -8.84 26.66
C LEU A 103 24.98 -7.53 25.99
N VAL A 104 24.25 -7.08 24.97
CA VAL A 104 24.68 -5.91 24.17
C VAL A 104 24.81 -4.71 25.10
N ASP A 105 23.83 -4.56 26.00
CA ASP A 105 23.90 -3.47 26.96
C ASP A 105 25.14 -3.59 27.91
N ARG A 106 25.39 -4.78 28.44
CA ARG A 106 26.55 -4.93 29.32
C ARG A 106 27.87 -4.72 28.64
N VAL A 107 28.00 -5.29 27.46
CA VAL A 107 29.23 -5.09 26.74
C VAL A 107 29.41 -3.57 26.46
N SER A 108 28.31 -2.84 26.15
CA SER A 108 28.47 -1.45 25.74
C SER A 108 28.99 -0.60 26.88
N LEU A 109 28.80 -1.07 28.11
CA LEU A 109 29.19 -0.34 29.32
C LEU A 109 30.68 -0.48 29.59
N ASP A 110 31.29 -1.48 28.96
CA ASP A 110 32.69 -1.78 29.24
C ASP A 110 33.55 -1.05 28.21
N GLY A 111 33.77 0.24 28.42
CA GLY A 111 34.47 1.12 27.47
C GLY A 111 35.88 0.64 27.19
N LYS A 112 36.58 0.20 28.24
CA LYS A 112 37.94 -0.30 28.13
C LYS A 112 38.02 -1.55 27.27
N PHE A 113 37.14 -2.54 27.50
CA PHE A 113 37.09 -3.72 26.63
C PHE A 113 36.85 -3.37 25.13
N LEU A 114 35.90 -2.50 24.85
CA LEU A 114 35.67 -2.02 23.48
C LEU A 114 36.89 -1.36 22.86
N GLN A 115 37.51 -0.43 23.60
CA GLN A 115 38.68 0.31 23.11
C GLN A 115 39.86 -0.61 22.93
N GLU A 116 40.14 -1.42 23.96
N GLU A 116 40.13 -1.43 23.95
CA GLU A 116 41.21 -2.40 23.89
CA GLU A 116 41.24 -2.39 23.86
C GLU A 116 41.01 -3.40 22.75
C GLU A 116 41.02 -3.44 22.76
N SER A 117 39.83 -3.99 22.63
CA SER A 117 39.56 -4.97 21.56
C SER A 117 39.73 -4.44 20.15
N LEU A 118 39.41 -3.17 19.91
CA LEU A 118 39.27 -2.66 18.54
C LEU A 118 40.50 -1.90 18.00
N ASN A 123 43.44 -3.51 14.61
CA ASN A 123 44.28 -2.38 14.31
C ASN A 123 43.82 -1.58 13.11
N ALA A 124 43.63 -1.84 11.83
CA ALA A 124 43.56 -1.05 10.60
C ALA A 124 42.30 -0.56 9.92
N ASP A 125 41.15 -0.38 10.52
CA ASP A 125 40.12 0.06 9.60
C ASP A 125 39.90 1.59 9.91
N GLU A 126 39.63 2.44 8.90
CA GLU A 126 39.40 3.88 9.13
C GLU A 126 38.06 4.19 9.76
N PHE A 127 37.02 3.47 9.34
CA PHE A 127 35.66 3.71 9.78
C PHE A 127 35.49 3.35 11.25
N THR A 128 35.96 2.18 11.62
CA THR A 128 35.88 1.75 13.00
C THR A 128 36.69 2.74 13.88
N SER A 129 37.84 3.20 13.39
CA SER A 129 38.59 4.15 14.22
C SER A 129 37.84 5.46 14.38
N ARG A 130 37.07 5.85 13.37
CA ARG A 130 36.30 7.06 13.51
C ARG A 130 35.23 6.92 14.59
N LEU A 131 34.66 5.73 14.71
CA LEU A 131 33.60 5.44 15.67
C LEU A 131 34.17 5.39 17.08
N LEU A 132 35.38 4.80 17.18
CA LEU A 132 36.15 4.74 18.41
C LEU A 132 36.54 6.14 18.92
N ASP A 133 36.79 7.06 17.99
N ASP A 133 36.83 7.04 17.98
CA ASP A 133 37.12 8.43 18.34
CA ASP A 133 37.13 8.44 18.30
C ASP A 133 35.94 9.13 18.98
C ASP A 133 35.94 9.01 19.04
N ILE A 134 34.74 8.84 18.48
CA ILE A 134 33.51 9.35 19.14
C ILE A 134 33.31 8.70 20.50
N HIS A 135 33.52 7.39 20.55
CA HIS A 135 33.35 6.67 21.80
C HIS A 135 34.35 7.21 22.83
N SER A 136 35.62 7.35 22.45
CA SER A 136 36.64 8.00 23.32
C SER A 136 36.30 9.36 23.82
N LYS A 137 35.73 10.20 22.95
CA LYS A 137 35.14 11.46 23.35
C LYS A 137 34.06 11.34 24.37
N MET A 138 33.20 10.34 24.25
CA MET A 138 32.11 10.11 25.20
C MET A 138 32.65 9.60 26.54
N LEU A 139 33.68 8.76 26.46
CA LEU A 139 34.40 8.25 27.65
C LEU A 139 35.03 9.38 28.45
N GLN A 140 35.73 10.27 27.75
CA GLN A 140 36.26 11.54 28.32
C GLN A 140 35.19 12.39 29.01
N ILE A 141 34.14 12.75 28.26
CA ILE A 141 33.00 13.59 28.72
C ILE A 141 32.24 12.98 29.93
N ASN A 142 32.21 11.66 29.99
CA ASN A 142 31.64 10.90 31.10
C ASN A 142 30.27 11.40 31.62
N LYS A 143 29.32 11.59 30.69
CA LYS A 143 27.95 11.98 31.04
C LYS A 143 27.11 10.80 31.51
N LYS A 144 26.43 11.00 32.65
CA LYS A 144 25.41 10.10 33.21
C LYS A 144 24.75 9.04 32.30
N GLU A 145 23.88 9.49 31.39
CA GLU A 145 23.06 8.62 30.50
C GLU A 145 22.23 7.51 31.18
N ASP A 146 21.24 7.93 31.95
CA ASP A 146 20.33 7.02 32.62
C ASP A 146 19.49 6.15 31.66
N ILE A 147 19.04 6.71 30.53
CA ILE A 147 18.10 6.03 29.63
C ILE A 147 18.80 5.48 28.42
N ARG A 148 18.74 4.16 28.23
CA ARG A 148 19.38 3.47 27.12
C ARG A 148 18.35 2.61 26.41
N MET A 149 18.54 2.37 25.11
CA MET A 149 17.59 1.60 24.33
C MET A 149 18.24 1.02 23.11
N GLY A 150 17.64 -0.04 22.59
CA GLY A 150 18.12 -0.67 21.36
C GLY A 150 16.96 -1.25 20.59
N ILE A 151 17.06 -1.17 19.25
CA ILE A 151 16.21 -1.95 18.33
C ILE A 151 17.22 -2.70 17.49
N VAL A 152 17.30 -4.02 17.75
CA VAL A 152 18.44 -4.82 17.27
C VAL A 152 17.86 -6.06 16.61
N ARG A 153 18.71 -6.88 15.99
CA ARG A 153 18.25 -8.08 15.29
C ARG A 153 19.41 -9.05 15.33
N SER A 154 19.15 -10.23 15.85
CA SER A 154 20.13 -11.30 15.81
C SER A 154 19.74 -12.25 14.64
N ASP A 155 20.67 -12.47 13.71
CA ASP A 155 20.43 -13.34 12.54
C ASP A 155 20.98 -14.76 12.73
N TYR A 156 20.15 -15.77 12.40
CA TYR A 156 20.57 -17.17 12.61
C TYR A 156 20.48 -17.99 11.34
N MET A 157 21.25 -19.08 11.26
CA MET A 157 21.00 -20.12 10.27
C MET A 157 20.84 -21.50 10.95
N ILE A 158 20.15 -22.45 10.33
CA ILE A 158 20.18 -23.82 10.87
C ILE A 158 21.38 -24.52 10.21
N ASP A 159 22.17 -25.20 11.02
CA ASP A 159 23.42 -25.81 10.52
C ASP A 159 23.18 -27.30 10.39
N GLU A 160 23.49 -27.82 9.21
CA GLU A 160 23.27 -29.24 8.88
C GLU A 160 24.19 -30.25 9.52
N LYS A 161 25.47 -29.96 9.63
CA LYS A 161 26.40 -30.85 10.29
C LYS A 161 25.91 -31.14 11.73
N THR A 162 26.00 -30.14 12.59
CA THR A 162 25.39 -30.23 13.90
C THR A 162 23.98 -30.01 13.43
N LYS A 163 22.97 -30.19 14.23
CA LYS A 163 21.67 -29.74 13.70
C LYS A 163 21.24 -28.60 14.57
N SER A 164 22.01 -27.51 14.54
CA SER A 164 22.01 -26.50 15.59
C SER A 164 21.54 -25.18 15.00
N LEU A 165 20.87 -24.36 15.82
CA LEU A 165 20.58 -22.97 15.44
C LEU A 165 21.86 -22.14 15.71
N LEU A 166 22.45 -21.49 14.69
CA LEU A 166 23.72 -20.79 14.93
C LEU A 166 23.57 -19.35 14.54
N GLN A 167 24.18 -18.45 15.34
CA GLN A 167 24.12 -17.03 15.10
C GLN A 167 25.17 -16.68 14.07
N ILE A 168 24.78 -15.85 13.08
N ILE A 168 24.77 -15.80 13.15
CA ILE A 168 25.67 -15.44 11.99
CA ILE A 168 25.57 -15.46 12.00
C ILE A 168 25.92 -13.92 11.97
C ILE A 168 25.94 -13.98 12.05
N GLU A 169 25.06 -13.17 12.66
CA GLU A 169 25.30 -11.73 12.77
C GLU A 169 24.51 -11.20 13.95
N MET A 170 25.06 -10.21 14.62
CA MET A 170 24.28 -9.43 15.58
C MET A 170 24.22 -8.00 15.04
N ASN A 171 23.02 -7.51 14.78
CA ASN A 171 22.87 -6.22 14.15
C ASN A 171 22.43 -5.25 15.25
N THR A 172 23.28 -4.25 15.58
CA THR A 172 23.01 -3.46 16.80
C THR A 172 22.49 -2.08 16.52
N ILE A 173 22.51 -1.74 15.25
CA ILE A 173 22.13 -0.43 14.77
C ILE A 173 21.43 -0.44 13.41
N SER A 174 20.40 0.39 13.28
CA SER A 174 19.76 0.56 12.00
C SER A 174 19.32 -0.75 11.33
N THR A 175 18.62 -1.60 12.06
N THR A 175 18.69 -1.63 12.09
CA THR A 175 18.17 -2.85 11.47
CA THR A 175 18.12 -2.85 11.50
C THR A 175 16.82 -2.77 10.75
C THR A 175 16.90 -2.53 10.65
N SER A 176 16.83 -3.13 9.46
CA SER A 176 15.67 -3.05 8.57
C SER A 176 14.78 -4.26 8.61
N PHE A 177 13.62 -4.09 7.98
CA PHE A 177 12.65 -5.15 7.66
C PHE A 177 11.74 -5.54 8.76
N ALA A 178 11.58 -4.68 9.76
CA ALA A 178 10.51 -4.92 10.71
C ALA A 178 9.14 -4.83 10.06
N LEU A 179 8.94 -3.89 9.14
CA LEU A 179 7.66 -3.89 8.42
C LEU A 179 7.61 -5.01 7.37
N ILE A 180 8.66 -5.09 6.60
CA ILE A 180 8.78 -6.07 5.55
C ILE A 180 8.61 -7.43 6.12
N GLY A 181 9.30 -7.72 7.24
CA GLY A 181 9.17 -9.08 7.79
C GLY A 181 7.73 -9.32 8.18
N CYS A 182 7.07 -8.35 8.80
CA CYS A 182 5.74 -8.70 9.27
C CYS A 182 4.64 -8.62 8.16
N LEU A 183 4.94 -7.92 7.05
CA LEU A 183 4.07 -8.03 5.85
C LEU A 183 4.23 -9.38 5.19
N MET A 184 5.43 -9.95 5.25
CA MET A 184 5.63 -11.31 4.71
C MET A 184 4.86 -12.36 5.48
N THR A 185 4.78 -12.24 6.79
CA THR A 185 3.91 -13.09 7.61
C THR A 185 2.47 -12.91 7.14
N GLY A 186 2.07 -11.66 6.91
CA GLY A 186 0.66 -11.39 6.45
C GLY A 186 0.41 -12.11 5.14
N LEU A 187 1.35 -11.95 4.20
CA LEU A 187 1.23 -12.55 2.93
C LEU A 187 1.17 -14.06 2.97
N HIS A 188 2.19 -14.68 3.58
CA HIS A 188 2.22 -16.13 3.66
C HIS A 188 1.00 -16.73 4.35
N LYS A 189 0.57 -16.11 5.45
CA LYS A 189 -0.71 -16.47 6.07
C LYS A 189 -1.93 -16.35 5.14
N SER A 190 -1.96 -15.29 4.33
CA SER A 190 -3.03 -15.12 3.36
C SER A 190 -3.01 -16.21 2.26
N LEU A 191 -1.82 -16.45 1.71
CA LEU A 191 -1.69 -17.45 0.68
C LEU A 191 -2.03 -18.81 1.20
N LEU A 192 -1.55 -19.16 2.40
CA LEU A 192 -1.84 -20.48 3.00
C LEU A 192 -3.31 -20.65 3.42
N SER A 193 -3.95 -19.56 3.78
CA SER A 193 -5.36 -19.68 4.09
C SER A 193 -6.20 -20.00 2.81
N GLN A 194 -5.71 -19.64 1.62
CA GLN A 194 -6.39 -20.00 0.36
C GLN A 194 -5.91 -21.24 -0.38
N TYR A 195 -4.62 -21.51 -0.34
CA TYR A 195 -4.04 -22.61 -1.13
C TYR A 195 -3.45 -23.72 -0.23
N GLY A 196 -3.48 -23.52 1.08
CA GLY A 196 -2.85 -24.48 1.98
C GLY A 196 -3.53 -25.83 2.21
N LYS A 197 -4.84 -25.88 2.33
CA LYS A 197 -5.49 -27.22 2.54
C LYS A 197 -4.92 -28.16 1.47
N PHE A 198 -5.00 -27.73 0.22
CA PHE A 198 -4.54 -28.56 -0.94
C PHE A 198 -3.10 -28.91 -0.80
N LEU A 199 -2.27 -27.90 -0.51
CA LEU A 199 -0.84 -28.08 -0.36
C LEU A 199 -0.41 -28.87 0.90
N GLY A 200 -1.34 -29.08 1.84
CA GLY A 200 -1.11 -29.78 3.11
C GLY A 200 -0.39 -28.89 4.10
N LEU A 201 -0.59 -27.57 3.97
CA LEU A 201 0.10 -26.55 4.78
C LEU A 201 -0.94 -25.73 5.55
N ASN A 202 -0.68 -25.35 6.80
CA ASN A 202 -1.66 -24.61 7.61
C ASN A 202 -1.06 -23.26 8.01
N SER A 203 -1.73 -22.18 7.64
CA SER A 203 -1.21 -20.87 7.97
C SER A 203 -0.79 -20.65 9.43
N ASN A 204 -1.41 -21.38 10.37
N ASN A 204 -1.39 -21.39 10.37
CA ASN A 204 -1.07 -21.25 11.80
CA ASN A 204 -1.06 -21.26 11.78
C ASN A 204 0.32 -21.77 12.16
C ASN A 204 0.34 -21.72 12.15
N ARG A 205 1.05 -22.28 11.16
CA ARG A 205 2.46 -22.67 11.36
C ARG A 205 3.41 -21.56 10.94
N VAL A 206 2.88 -20.50 10.32
CA VAL A 206 3.70 -19.27 10.11
C VAL A 206 3.63 -18.48 11.44
N PRO A 207 4.76 -18.27 12.11
CA PRO A 207 4.60 -17.63 13.40
C PRO A 207 4.06 -16.19 13.30
N ALA A 208 3.22 -15.82 14.26
CA ALA A 208 2.70 -14.46 14.42
C ALA A 208 3.86 -13.45 14.40
N ASN A 209 3.64 -12.20 13.99
CA ASN A 209 4.76 -11.26 13.79
C ASN A 209 4.24 -9.83 13.98
N ASN A 210 4.73 -9.21 15.04
CA ASN A 210 4.39 -7.86 15.49
C ASN A 210 5.51 -6.85 15.27
N ALA A 211 6.55 -7.24 14.52
CA ALA A 211 7.81 -6.51 14.50
C ALA A 211 7.70 -5.00 14.42
N VAL A 212 7.02 -4.50 13.37
CA VAL A 212 7.04 -3.05 13.14
C VAL A 212 6.29 -2.34 14.29
N ASP A 213 5.20 -2.92 14.72
CA ASP A 213 4.47 -2.39 15.90
C ASP A 213 5.34 -2.27 17.15
N GLN A 214 6.14 -3.30 17.40
CA GLN A 214 7.05 -3.35 18.54
C GLN A 214 8.15 -2.35 18.45
N SER A 215 8.63 -2.14 17.22
N SER A 215 8.61 -2.10 17.22
CA SER A 215 9.58 -1.07 16.93
CA SER A 215 9.62 -1.05 16.96
C SER A 215 9.04 0.28 17.37
C SER A 215 9.10 0.36 17.27
N ALA A 216 7.89 0.70 16.82
CA ALA A 216 7.37 2.01 17.17
C ALA A 216 7.03 2.01 18.67
N GLU A 217 6.59 0.88 19.21
CA GLU A 217 6.29 0.89 20.67
C GLU A 217 7.51 1.28 21.47
N ALA A 218 8.68 0.76 21.08
CA ALA A 218 9.91 1.00 21.86
C ALA A 218 10.34 2.47 21.79
N LEU A 219 10.17 3.05 20.60
CA LEU A 219 10.46 4.48 20.37
C LEU A 219 9.49 5.34 21.16
N ALA A 220 8.19 5.01 21.11
CA ALA A 220 7.19 5.75 21.92
C ALA A 220 7.47 5.67 23.37
N LYS A 221 7.81 4.50 23.89
CA LYS A 221 8.11 4.36 25.33
C LYS A 221 9.36 5.14 25.75
N ALA A 222 10.35 5.23 24.88
CA ALA A 222 11.58 5.98 25.17
C ALA A 222 11.30 7.48 25.18
N TRP A 223 10.52 7.92 24.19
CA TRP A 223 10.03 9.31 24.15
C TRP A 223 9.27 9.68 25.45
N SER A 224 8.42 8.78 25.97
N SER A 224 8.41 8.80 25.97
CA SER A 224 7.75 8.98 27.26
CA SER A 224 7.75 9.11 27.26
C SER A 224 8.72 9.05 28.42
C SER A 224 8.67 9.01 28.49
N GLU A 225 9.66 8.11 28.48
CA GLU A 225 10.64 8.09 29.54
C GLU A 225 11.40 9.39 29.58
N TYR A 226 11.71 9.94 28.41
CA TYR A 226 12.42 11.24 28.38
C TYR A 226 11.60 12.34 29.06
N ASN A 227 10.29 12.21 28.93
CA ASN A 227 9.33 13.12 29.52
C ASN A 227 9.44 14.55 28.99
N ASN A 228 9.59 14.74 27.70
CA ASN A 228 9.42 16.07 27.11
C ASN A 228 8.36 15.96 26.06
N PRO A 229 7.10 16.18 26.45
CA PRO A 229 6.05 15.94 25.46
C PRO A 229 6.05 16.98 24.30
N ARG A 230 6.87 18.02 24.40
CA ARG A 230 7.04 18.99 23.29
C ARG A 230 8.04 18.56 22.18
N ALA A 231 8.72 17.44 22.39
CA ALA A 231 9.79 17.02 21.50
C ALA A 231 9.25 16.03 20.48
N ALA A 232 9.97 15.93 19.37
CA ALA A 232 9.74 15.00 18.28
C ALA A 232 10.78 13.88 18.34
N ILE A 233 10.55 12.82 17.58
CA ILE A 233 11.57 11.80 17.29
C ILE A 233 12.24 12.13 15.94
N LEU A 234 13.57 12.16 15.90
CA LEU A 234 14.36 12.35 14.67
C LEU A 234 14.70 10.99 14.14
N VAL A 235 14.32 10.75 12.88
CA VAL A 235 14.86 9.60 12.21
C VAL A 235 15.95 9.91 11.19
N VAL A 236 17.10 9.22 11.35
CA VAL A 236 18.29 9.51 10.53
C VAL A 236 18.25 8.52 9.43
N VAL A 237 18.18 9.04 8.20
CA VAL A 237 17.86 8.26 7.01
C VAL A 237 18.94 8.50 5.94
N GLN A 238 19.05 7.58 4.96
CA GLN A 238 20.09 7.72 3.93
C GLN A 238 19.61 8.69 2.90
N VAL A 239 20.55 9.27 2.15
CA VAL A 239 20.18 10.16 1.01
C VAL A 239 19.31 9.45 -0.05
N GLU A 240 19.70 8.23 -0.39
CA GLU A 240 18.94 7.43 -1.35
C GLU A 240 18.29 6.28 -0.56
N GLU A 241 16.96 6.21 -0.55
CA GLU A 241 16.32 5.23 0.31
C GLU A 241 15.11 4.59 -0.36
N ARG A 242 15.34 3.59 -1.19
N ARG A 242 15.32 3.59 -1.20
CA ARG A 242 14.23 2.89 -1.85
CA ARG A 242 14.19 2.89 -1.83
C ARG A 242 13.35 1.99 -0.92
C ARG A 242 13.25 2.18 -0.81
N ASN A 243 13.79 1.80 0.34
CA ASN A 243 12.97 1.16 1.43
C ASN A 243 12.39 2.24 2.37
N MET A 244 12.12 3.42 1.84
CA MET A 244 11.62 4.49 2.66
C MET A 244 10.25 4.20 3.27
N TYR A 245 9.49 3.27 2.72
CA TYR A 245 8.11 3.11 3.20
C TYR A 245 8.04 2.52 4.58
N GLU A 246 9.04 1.68 4.86
CA GLU A 246 9.18 1.10 6.16
C GLU A 246 9.34 2.17 7.23
N GLN A 247 10.19 3.15 6.98
CA GLN A 247 10.41 4.23 7.91
C GLN A 247 9.16 5.08 7.98
N HIS A 248 8.55 5.38 6.84
CA HIS A 248 7.26 6.16 6.90
C HIS A 248 6.15 5.46 7.66
N TYR A 249 6.09 4.14 7.54
CA TYR A 249 5.11 3.36 8.28
C TYR A 249 5.32 3.50 9.79
N ILE A 250 6.58 3.39 10.25
CA ILE A 250 6.90 3.71 11.62
C ILE A 250 6.48 5.09 12.11
N SER A 251 6.88 6.12 11.37
CA SER A 251 6.48 7.49 11.66
C SER A 251 4.97 7.61 11.70
N ALA A 252 4.29 6.80 10.89
CA ALA A 252 2.86 6.84 10.87
C ALA A 252 2.26 6.25 12.11
N LEU A 253 2.81 5.13 12.57
CA LEU A 253 2.40 4.51 13.83
C LEU A 253 2.68 5.47 14.93
N LEU A 254 3.84 6.12 14.89
CA LEU A 254 4.13 7.16 15.89
C LEU A 254 3.12 8.30 15.90
N ARG A 255 2.79 8.77 14.74
CA ARG A 255 1.87 9.88 14.67
C ARG A 255 0.46 9.52 15.10
N GLU A 256 -0.05 8.39 14.60
CA GLU A 256 -1.48 8.08 14.66
C GLU A 256 -1.89 7.26 15.85
N LYS A 257 -1.05 6.28 16.20
CA LYS A 257 -1.31 5.49 17.40
C LYS A 257 -0.73 6.15 18.67
N HIS A 258 0.48 6.66 18.58
CA HIS A 258 1.17 7.12 19.76
C HIS A 258 1.12 8.61 19.95
N HIS A 259 0.69 9.33 18.92
CA HIS A 259 0.60 10.81 18.99
C HIS A 259 1.93 11.47 19.24
N ILE A 260 2.95 11.00 18.54
CA ILE A 260 4.28 11.60 18.65
C ILE A 260 4.73 12.01 17.27
N ARG A 261 5.28 13.21 17.14
CA ARG A 261 5.75 13.70 15.86
C ARG A 261 7.14 13.21 15.52
N SER A 262 7.43 13.09 14.23
CA SER A 262 8.78 12.68 13.87
C SER A 262 9.26 13.44 12.65
N ILE A 263 10.57 13.55 12.48
CA ILE A 263 11.09 14.21 11.31
C ILE A 263 12.18 13.32 10.78
N ARG A 264 12.44 13.40 9.47
N ARG A 264 12.43 13.41 9.47
CA ARG A 264 13.50 12.59 8.87
CA ARG A 264 13.48 12.62 8.82
C ARG A 264 14.58 13.51 8.31
C ARG A 264 14.59 13.52 8.28
N LYS A 265 15.84 13.16 8.56
CA LYS A 265 16.97 13.95 8.10
C LYS A 265 18.16 13.05 7.88
N THR A 266 18.99 13.44 6.91
CA THR A 266 20.25 12.80 6.68
C THR A 266 21.28 13.36 7.65
N LEU A 267 22.39 12.63 7.82
CA LEU A 267 23.43 13.08 8.69
C LEU A 267 23.87 14.52 8.28
N THR A 268 24.03 14.81 6.97
CA THR A 268 24.43 16.18 6.58
C THR A 268 23.41 17.29 6.88
N GLU A 269 22.11 17.00 6.75
CA GLU A 269 21.06 17.90 7.17
C GLU A 269 21.13 18.20 8.62
N ILE A 270 21.39 17.17 9.40
CA ILE A 270 21.57 17.35 10.81
C ILE A 270 22.73 18.31 11.15
N ASP A 271 23.89 18.09 10.53
CA ASP A 271 25.10 18.94 10.71
C ASP A 271 24.68 20.38 10.42
N GLN A 272 24.03 20.59 9.27
CA GLN A 272 23.55 21.91 8.85
C GLN A 272 22.42 22.51 9.67
N GLU A 273 21.46 21.73 10.15
CA GLU A 273 20.25 22.25 10.84
C GLU A 273 20.25 21.94 12.33
N GLY A 274 21.29 21.28 12.81
CA GLY A 274 21.31 20.88 14.23
C GLY A 274 22.12 21.70 15.16
N LYS A 275 21.74 21.67 16.43
CA LYS A 275 22.52 22.31 17.48
C LYS A 275 22.08 21.77 18.86
N ILE A 276 22.90 22.05 19.86
CA ILE A 276 22.55 21.67 21.21
C ILE A 276 22.11 22.95 21.89
N LEU A 277 20.91 22.92 22.44
CA LEU A 277 20.41 24.03 23.28
C LEU A 277 21.15 24.14 24.62
N PRO A 278 21.03 25.31 25.31
CA PRO A 278 21.72 25.51 26.57
C PRO A 278 21.58 24.40 27.63
N ASP A 279 20.37 23.84 27.77
CA ASP A 279 20.12 22.70 28.69
C ASP A 279 20.51 21.30 28.21
N GLY A 280 21.12 21.21 27.01
CA GLY A 280 21.55 19.94 26.40
C GLY A 280 20.58 19.37 25.36
N THR A 281 19.35 19.91 25.30
CA THR A 281 18.35 19.51 24.30
C THR A 281 18.92 19.53 22.87
N LEU A 282 18.67 18.48 22.10
CA LEU A 282 18.92 18.48 20.68
C LEU A 282 17.78 19.23 19.97
N SER A 283 18.15 20.12 19.06
CA SER A 283 17.18 20.89 18.25
C SER A 283 17.56 20.66 16.81
N VAL A 284 16.65 20.14 15.99
CA VAL A 284 16.98 20.01 14.58
C VAL A 284 15.93 20.74 13.75
N ASP A 285 16.40 21.61 12.86
CA ASP A 285 15.49 22.28 11.94
C ASP A 285 14.41 22.92 12.77
N GLY A 286 14.77 23.60 13.86
CA GLY A 286 13.78 24.32 14.69
C GLY A 286 13.05 23.53 15.77
N GLN A 287 13.13 22.18 15.71
CA GLN A 287 12.35 21.27 16.56
C GLN A 287 13.15 20.57 17.64
N ALA A 288 12.61 20.59 18.86
CA ALA A 288 13.18 19.87 20.00
C ALA A 288 13.08 18.38 19.68
N ILE A 289 14.18 17.66 19.93
CA ILE A 289 14.30 16.22 19.59
C ILE A 289 14.65 15.45 20.86
N SER A 290 13.89 14.41 21.16
CA SER A 290 14.17 13.66 22.38
C SER A 290 14.73 12.29 22.13
N VAL A 291 14.53 11.76 20.90
CA VAL A 291 14.98 10.44 20.49
C VAL A 291 15.58 10.52 19.09
N VAL A 292 16.74 9.92 18.92
CA VAL A 292 17.40 9.83 17.62
C VAL A 292 17.33 8.36 17.22
N TYR A 293 16.49 8.09 16.24
CA TYR A 293 16.30 6.71 15.71
C TYR A 293 17.16 6.57 14.43
N PHE A 294 18.23 5.79 14.51
CA PHE A 294 19.11 5.64 13.38
C PHE A 294 18.59 4.60 12.36
N ARG A 295 18.40 5.05 11.11
CA ARG A 295 18.12 4.18 9.97
C ARG A 295 19.19 4.48 8.90
N ALA A 296 20.33 4.98 9.38
CA ALA A 296 21.52 5.29 8.56
C ALA A 296 22.71 5.35 9.49
N GLY A 297 23.92 5.43 8.90
CA GLY A 297 25.10 5.75 9.68
C GLY A 297 25.80 4.51 10.18
N TYR A 298 25.34 3.33 9.71
CA TYR A 298 25.89 2.02 10.13
C TYR A 298 26.97 1.66 9.13
N THR A 299 27.00 2.35 8.00
CA THR A 299 27.95 2.05 6.93
C THR A 299 28.92 3.20 6.62
N PRO A 300 30.20 2.88 6.31
CA PRO A 300 31.13 3.91 5.82
C PRO A 300 30.54 4.76 4.72
N LYS A 301 29.68 4.18 3.90
CA LYS A 301 29.19 4.94 2.72
C LYS A 301 28.29 6.10 3.12
N ASP A 302 27.72 6.03 4.34
CA ASP A 302 26.92 7.16 4.88
C ASP A 302 27.68 8.36 5.41
N TYR A 303 29.02 8.28 5.38
CA TYR A 303 29.91 9.33 5.87
C TYR A 303 30.88 9.72 4.73
N PRO A 304 30.35 10.35 3.68
CA PRO A 304 31.22 10.82 2.58
C PRO A 304 32.15 12.02 2.94
N SER A 305 31.82 12.76 4.00
CA SER A 305 32.58 13.94 4.41
C SER A 305 32.53 14.15 5.96
N GLU A 306 33.17 15.22 6.43
CA GLU A 306 33.26 15.62 7.81
C GLU A 306 31.92 16.09 8.28
N SER A 307 31.04 16.47 7.38
CA SER A 307 29.73 16.91 7.74
C SER A 307 28.96 15.81 8.51
N GLU A 308 28.96 14.62 7.95
CA GLU A 308 28.31 13.51 8.58
C GLU A 308 28.95 13.09 9.88
N TRP A 309 30.26 13.25 10.05
CA TRP A 309 30.89 12.92 11.32
C TRP A 309 30.56 13.95 12.38
N ARG A 310 30.54 15.25 12.01
CA ARG A 310 30.15 16.30 12.93
C ARG A 310 28.74 16.01 13.51
N ALA A 311 27.82 15.64 12.65
CA ALA A 311 26.44 15.34 13.03
C ALA A 311 26.39 14.20 13.98
N ARG A 312 27.16 13.14 13.71
CA ARG A 312 27.12 11.96 14.60
C ARG A 312 27.56 12.36 15.99
N LEU A 313 28.65 13.14 16.06
CA LEU A 313 29.21 13.62 17.33
C LEU A 313 28.26 14.55 18.09
N LEU A 314 27.72 15.53 17.39
CA LEU A 314 26.77 16.49 17.93
C LEU A 314 25.64 15.81 18.63
N MET A 315 24.96 14.96 17.87
CA MET A 315 23.86 14.14 18.39
C MET A 315 24.30 13.29 19.58
N GLU A 316 25.42 12.58 19.50
CA GLU A 316 25.87 11.78 20.66
C GLU A 316 26.07 12.61 21.95
N GLN A 317 26.69 13.80 21.81
CA GLN A 317 26.97 14.73 22.93
C GLN A 317 25.72 15.33 23.53
N SER A 318 24.70 15.54 22.71
N SER A 318 24.68 15.47 22.71
CA SER A 318 23.47 16.13 23.17
CA SER A 318 23.39 16.03 23.11
C SER A 318 22.73 15.18 24.12
C SER A 318 22.68 15.19 24.17
N SER A 319 21.69 15.69 24.77
N SER A 319 21.63 15.73 24.77
CA SER A 319 20.96 14.88 25.75
CA SER A 319 20.90 14.96 25.77
C SER A 319 19.96 13.88 25.15
C SER A 319 19.87 13.97 25.18
N ALA A 320 19.69 13.96 23.84
CA ALA A 320 18.66 13.07 23.24
C ALA A 320 19.01 11.60 23.50
N ILE A 321 17.99 10.74 23.60
CA ILE A 321 18.27 9.33 23.73
C ILE A 321 18.59 8.82 22.35
N LYS A 322 19.72 8.13 22.16
CA LYS A 322 20.02 7.66 20.81
C LYS A 322 19.57 6.18 20.74
N CYS A 323 19.01 5.81 19.59
CA CYS A 323 18.69 4.41 19.29
C CYS A 323 19.51 3.88 18.08
N PRO A 324 20.76 3.35 18.33
CA PRO A 324 21.40 3.27 19.63
C PRO A 324 22.58 4.25 19.77
N THR A 325 23.32 4.13 20.89
CA THR A 325 24.48 4.92 21.21
C THR A 325 25.69 4.35 20.48
N ILE A 326 26.79 5.09 20.54
CA ILE A 326 27.99 4.75 19.86
C ILE A 326 28.60 3.44 20.43
N SER A 327 28.42 3.21 21.73
CA SER A 327 28.98 2.01 22.36
C SER A 327 28.19 0.81 21.87
N TYR A 328 26.89 0.98 21.70
CA TYR A 328 26.08 -0.12 21.10
C TYR A 328 26.52 -0.44 19.66
N HIS A 329 26.60 0.59 18.80
CA HIS A 329 27.16 0.43 17.47
C HIS A 329 28.50 -0.35 17.54
N LEU A 330 29.44 0.05 18.37
CA LEU A 330 30.66 -0.74 18.60
C LEU A 330 30.45 -2.23 18.91
N VAL A 331 29.47 -2.52 19.76
CA VAL A 331 29.21 -3.92 20.06
C VAL A 331 28.88 -4.82 18.86
N GLY A 332 28.18 -4.35 17.86
CA GLY A 332 27.84 -5.24 16.77
C GLY A 332 28.99 -5.24 15.76
N THR A 333 30.13 -4.63 16.07
CA THR A 333 31.21 -4.65 15.04
C THR A 333 31.70 -6.10 14.95
N LYS A 334 32.28 -6.49 13.82
CA LYS A 334 32.79 -7.86 13.60
C LYS A 334 33.83 -8.33 14.63
N LYS A 335 34.81 -7.45 14.89
CA LYS A 335 35.88 -7.71 15.86
C LYS A 335 35.32 -7.90 17.28
N ILE A 336 34.36 -7.05 17.69
CA ILE A 336 33.76 -7.25 19.01
C ILE A 336 33.02 -8.57 19.05
N GLN A 337 32.20 -8.84 18.03
CA GLN A 337 31.45 -10.08 17.94
C GLN A 337 32.33 -11.33 17.97
N GLN A 338 33.42 -11.29 17.22
CA GLN A 338 34.44 -12.35 17.30
C GLN A 338 35.01 -12.50 18.70
N GLU A 339 35.39 -11.38 19.33
CA GLU A 339 35.92 -11.39 20.70
C GLU A 339 35.03 -12.18 21.71
N LEU A 340 33.74 -11.84 21.76
CA LEU A 340 32.77 -12.49 22.65
C LEU A 340 32.63 -14.00 22.50
N ALA A 341 32.98 -14.51 21.32
CA ALA A 341 32.84 -15.92 21.02
C ALA A 341 34.08 -16.71 21.42
N LYS A 342 35.11 -16.03 21.95
CA LYS A 342 36.31 -16.67 22.49
C LYS A 342 36.04 -17.09 23.93
N PRO A 343 36.77 -18.13 24.45
CA PRO A 343 36.83 -18.67 25.82
C PRO A 343 36.82 -17.75 27.04
N GLY A 344 35.76 -17.92 27.84
CA GLY A 344 35.58 -17.11 29.01
C GLY A 344 35.30 -15.61 28.76
N VAL A 345 35.28 -15.13 27.52
CA VAL A 345 35.01 -13.69 27.29
C VAL A 345 33.56 -13.34 27.59
N LEU A 346 32.68 -14.08 26.93
CA LEU A 346 31.23 -13.93 27.05
C LEU A 346 30.93 -13.93 28.50
N GLU A 347 31.74 -14.71 29.20
CA GLU A 347 31.49 -15.14 30.52
C GLU A 347 31.73 -13.96 31.50
N ARG A 348 32.49 -12.96 31.03
CA ARG A 348 32.69 -11.69 31.78
C ARG A 348 31.46 -10.74 31.75
N PHE A 349 30.52 -10.97 30.83
CA PHE A 349 29.35 -10.06 30.66
C PHE A 349 28.00 -10.63 31.00
N VAL A 350 28.00 -11.87 31.50
CA VAL A 350 26.81 -12.65 31.84
C VAL A 350 27.14 -13.49 33.08
N GLU A 351 26.25 -13.47 34.06
CA GLU A 351 26.43 -14.20 35.30
C GLU A 351 25.43 -15.35 35.40
N ASN A 352 24.27 -15.24 34.73
CA ASN A 352 23.35 -16.37 34.78
C ASN A 352 23.93 -17.49 33.90
N LYS A 353 24.33 -18.61 34.51
CA LYS A 353 24.96 -19.67 33.72
C LYS A 353 24.03 -20.44 32.73
N ASP A 354 22.71 -20.38 32.95
CA ASP A 354 21.72 -20.85 31.96
C ASP A 354 21.74 -19.96 30.69
N HIS A 355 21.96 -18.66 30.88
CA HIS A 355 22.02 -17.70 29.77
C HIS A 355 23.30 -17.90 29.01
N ILE A 356 24.42 -18.07 29.74
CA ILE A 356 25.73 -18.44 29.13
C ILE A 356 25.61 -19.76 28.36
N ALA A 357 24.96 -20.76 28.94
CA ALA A 357 24.73 -22.00 28.15
C ALA A 357 23.98 -21.69 26.84
N LYS A 358 22.88 -20.93 26.95
CA LYS A 358 22.05 -20.75 25.76
C LYS A 358 22.82 -19.99 24.70
N LEU A 359 23.56 -18.96 25.11
CA LEU A 359 24.42 -18.19 24.22
C LEU A 359 25.46 -19.04 23.55
N ARG A 360 26.17 -19.84 24.30
CA ARG A 360 27.25 -20.60 23.73
C ARG A 360 26.76 -21.66 22.76
N ALA A 361 25.62 -22.25 23.09
CA ALA A 361 24.92 -23.12 22.18
C ALA A 361 24.68 -22.53 20.75
N CYS A 362 24.51 -21.21 20.60
CA CYS A 362 24.21 -20.64 19.28
C CYS A 362 25.47 -20.05 18.63
N PHE A 363 26.58 -20.03 19.39
CA PHE A 363 27.85 -19.46 18.91
C PHE A 363 28.59 -20.51 18.12
N ALA A 364 28.96 -20.16 16.89
CA ALA A 364 29.84 -21.00 16.13
C ALA A 364 31.29 -20.91 16.72
N GLY A 365 31.95 -22.05 16.82
CA GLY A 365 33.31 -22.11 17.37
C GLY A 365 34.19 -21.06 16.70
N LEU A 366 35.02 -20.38 17.48
CA LEU A 366 35.91 -19.39 16.89
C LEU A 366 37.19 -19.43 17.68
N TRP A 367 38.31 -19.26 16.97
CA TRP A 367 39.62 -19.37 17.60
C TRP A 367 40.69 -18.41 17.09
N SER A 368 41.54 -17.99 18.03
CA SER A 368 42.82 -17.37 17.69
C SER A 368 43.71 -18.39 16.98
N LEU A 369 44.36 -17.90 15.96
CA LEU A 369 45.29 -18.72 15.26
C LEU A 369 46.54 -19.08 16.11
N GLU A 370 47.12 -18.14 16.85
CA GLU A 370 48.38 -18.50 17.61
C GLU A 370 48.45 -19.91 18.35
N ASP A 371 48.31 -20.00 19.69
CA ASP A 371 48.29 -21.22 20.54
C ASP A 371 47.46 -22.39 19.95
N SER A 372 46.35 -21.85 19.33
CA SER A 372 45.19 -22.45 18.65
C SER A 372 44.02 -22.71 19.62
N ASP A 373 44.25 -22.72 20.91
CA ASP A 373 43.19 -22.93 21.96
C ASP A 373 43.20 -24.35 22.57
N ILE A 374 43.87 -25.30 21.86
CA ILE A 374 44.21 -26.72 22.25
C ILE A 374 44.80 -27.31 20.97
N VAL A 375 45.15 -26.43 20.04
CA VAL A 375 45.66 -26.69 18.70
C VAL A 375 44.75 -27.52 17.82
N LYS A 376 43.54 -26.97 17.67
CA LYS A 376 42.72 -27.42 16.54
C LYS A 376 43.11 -26.58 15.31
N LYS A 377 44.16 -25.80 15.46
CA LYS A 377 44.93 -25.37 14.32
C LYS A 377 45.42 -26.66 13.62
N ALA A 378 45.92 -27.63 14.38
CA ALA A 378 46.30 -28.93 13.81
C ALA A 378 45.03 -29.42 13.13
N ILE A 379 44.99 -29.13 11.82
CA ILE A 379 43.83 -29.38 10.98
C ILE A 379 44.12 -30.17 9.77
N GLU A 380 43.44 -31.22 9.70
CA GLU A 380 43.49 -32.25 8.77
C GLU A 380 42.19 -32.25 8.02
N ASN A 381 41.18 -31.86 8.79
CA ASN A 381 39.78 -31.79 8.36
C ASN A 381 39.35 -30.36 7.99
N PRO A 382 40.07 -29.71 7.03
CA PRO A 382 39.81 -28.32 6.74
C PRO A 382 38.46 -28.06 6.16
N GLU A 383 37.82 -29.08 5.60
CA GLU A 383 36.42 -28.93 5.12
C GLU A 383 35.51 -28.46 6.30
N LEU A 384 35.97 -28.65 7.52
CA LEU A 384 35.15 -28.37 8.67
C LEU A 384 35.39 -26.99 9.29
N PHE A 385 36.31 -26.23 8.68
CA PHE A 385 36.72 -24.93 9.25
C PHE A 385 36.64 -23.84 8.20
N VAL A 386 36.76 -22.60 8.68
CA VAL A 386 36.84 -21.41 7.83
C VAL A 386 37.74 -20.38 8.51
N MET A 387 38.51 -19.68 7.72
CA MET A 387 39.27 -18.54 8.20
C MET A 387 38.58 -17.29 7.73
N LYS A 388 38.45 -16.34 8.66
CA LYS A 388 37.84 -15.04 8.40
C LYS A 388 38.79 -13.93 8.85
N PRO A 389 38.76 -12.80 8.11
CA PRO A 389 39.50 -11.60 8.47
C PRO A 389 39.03 -11.03 9.85
N GLN A 390 39.90 -10.22 10.46
CA GLN A 390 39.90 -9.75 11.89
C GLN A 390 40.07 -10.79 12.97
N ASN A 397 37.14 -14.87 3.00
CA ASN A 397 37.19 -16.15 3.74
C ASN A 397 38.08 -17.19 3.04
N ILE A 398 38.72 -18.06 3.82
CA ILE A 398 39.62 -19.08 3.28
C ILE A 398 39.08 -20.47 3.63
N TYR A 399 38.73 -21.25 2.61
CA TYR A 399 38.13 -22.60 2.73
C TYR A 399 39.00 -23.74 2.21
N GLY A 400 38.49 -24.96 2.38
CA GLY A 400 39.07 -26.28 1.99
C GLY A 400 40.59 -26.50 2.18
N ASP A 401 41.26 -26.44 0.98
CA ASP A 401 42.68 -26.60 0.70
C ASP A 401 43.51 -25.34 0.89
N GLU A 402 42.94 -24.23 0.43
CA GLU A 402 43.50 -22.88 0.62
C GLU A 402 43.66 -22.67 2.12
N LEU A 403 42.63 -23.08 2.87
CA LEU A 403 42.70 -23.06 4.34
C LEU A 403 43.84 -23.93 4.82
N ARG A 404 43.95 -25.15 4.31
CA ARG A 404 44.99 -26.06 4.75
C ARG A 404 46.41 -25.50 4.48
N GLU A 405 46.61 -24.92 3.28
CA GLU A 405 47.88 -24.29 2.94
C GLU A 405 48.18 -23.12 3.88
N THR A 406 47.42 -22.02 3.79
CA THR A 406 47.48 -20.96 4.79
C THR A 406 47.97 -21.39 6.17
N LEU A 407 47.37 -22.44 6.73
CA LEU A 407 47.71 -22.81 8.09
C LEU A 407 49.04 -23.55 8.17
N LEU A 408 49.36 -24.29 7.10
CA LEU A 408 50.61 -25.10 6.90
C LEU A 408 51.32 -25.75 8.12
N LYS A 409 50.76 -25.57 9.33
CA LYS A 409 51.41 -25.91 10.62
C LYS A 409 52.38 -24.77 10.96
N LEU A 410 51.94 -23.54 10.73
CA LEU A 410 52.82 -22.41 10.44
C LEU A 410 54.27 -22.56 10.91
N GLN A 411 55.11 -22.99 9.96
CA GLN A 411 56.58 -23.02 10.09
C GLN A 411 57.14 -23.39 11.48
N TYR A 421 42.46 -14.67 9.24
CA TYR A 421 42.79 -14.02 10.52
C TYR A 421 42.28 -14.66 11.84
N ILE A 422 41.03 -15.09 11.87
CA ILE A 422 40.64 -16.08 12.88
C ILE A 422 40.13 -17.36 12.22
N LEU A 423 40.06 -18.39 13.05
CA LEU A 423 39.69 -19.70 12.63
C LEU A 423 38.32 -19.93 13.20
N MET A 424 37.42 -20.44 12.37
CA MET A 424 36.12 -20.77 12.92
C MET A 424 35.47 -22.00 12.34
N GLN A 425 34.51 -22.50 13.11
CA GLN A 425 33.63 -23.58 12.65
C GLN A 425 32.93 -23.17 11.38
N ARG A 426 33.00 -24.03 10.37
CA ARG A 426 32.26 -23.85 9.11
C ARG A 426 30.83 -24.26 9.31
N ILE A 427 29.94 -23.41 8.82
CA ILE A 427 28.53 -23.65 8.90
C ILE A 427 27.99 -24.25 7.61
N PHE A 428 27.10 -25.22 7.76
CA PHE A 428 26.56 -25.93 6.62
C PHE A 428 25.03 -25.76 6.57
N PRO A 429 24.52 -24.83 5.77
CA PRO A 429 23.10 -24.60 5.85
C PRO A 429 22.21 -25.62 5.20
N ALA A 430 20.93 -25.47 5.65
CA ALA A 430 19.72 -26.15 5.19
C ALA A 430 19.34 -25.66 3.79
N THR A 431 18.78 -26.54 3.00
CA THR A 431 18.33 -26.09 1.74
C THR A 431 16.89 -26.49 1.60
N SER A 432 16.14 -25.71 0.85
CA SER A 432 14.76 -26.02 0.57
C SER A 432 14.41 -25.48 -0.81
N PRO A 433 13.48 -26.15 -1.53
CA PRO A 433 13.07 -25.75 -2.86
C PRO A 433 12.05 -24.62 -2.75
N ALA A 434 12.39 -23.45 -3.29
CA ALA A 434 11.60 -22.26 -3.22
C ALA A 434 11.07 -21.80 -4.57
N ILE A 435 10.02 -20.99 -4.52
CA ILE A 435 9.58 -20.18 -5.67
C ILE A 435 9.93 -18.71 -5.37
N LEU A 436 10.65 -18.09 -6.28
CA LEU A 436 11.22 -16.76 -6.05
C LEU A 436 10.60 -15.83 -7.06
N VAL A 437 9.98 -14.76 -6.57
CA VAL A 437 9.19 -13.84 -7.39
C VAL A 437 9.91 -12.48 -7.40
N ARG A 438 10.24 -11.97 -8.57
CA ARG A 438 11.03 -10.74 -8.68
C ARG A 438 10.63 -9.96 -9.94
N ASP A 439 10.42 -8.65 -9.76
CA ASP A 439 9.86 -7.76 -10.84
C ASP A 439 8.71 -8.42 -11.67
N GLY A 440 7.80 -9.09 -10.96
CA GLY A 440 6.57 -9.65 -11.52
C GLY A 440 6.67 -11.06 -12.09
N ASN A 441 7.85 -11.63 -12.11
CA ASN A 441 8.11 -12.90 -12.73
C ASN A 441 8.57 -13.82 -11.64
N TRP A 442 8.44 -15.11 -11.91
CA TRP A 442 8.82 -16.11 -10.95
C TRP A 442 9.65 -17.21 -11.60
N ASP A 443 10.48 -17.86 -10.78
CA ASP A 443 11.23 -19.05 -11.16
C ASP A 443 11.39 -19.94 -9.94
N THR A 444 11.80 -21.20 -10.17
CA THR A 444 12.12 -22.11 -9.11
C THR A 444 13.59 -21.89 -8.74
N GLY A 445 13.93 -22.15 -7.48
CA GLY A 445 15.32 -22.19 -7.03
C GLY A 445 15.44 -22.98 -5.74
N HIS A 446 16.61 -23.55 -5.49
CA HIS A 446 16.90 -24.18 -4.21
C HIS A 446 17.61 -23.15 -3.32
N VAL A 447 17.13 -22.93 -2.11
CA VAL A 447 17.61 -21.77 -1.39
C VAL A 447 18.10 -22.08 0.00
N ILE A 448 18.80 -21.13 0.63
CA ILE A 448 19.08 -21.18 2.07
C ILE A 448 18.41 -19.98 2.72
N SER A 449 18.12 -20.04 4.01
CA SER A 449 17.46 -18.95 4.70
C SER A 449 18.14 -18.56 6.03
N GLU A 450 18.04 -17.28 6.36
CA GLU A 450 18.67 -16.66 7.49
C GLU A 450 17.54 -15.89 8.18
N ALA A 451 17.23 -16.27 9.43
CA ALA A 451 16.11 -15.73 10.21
C ALA A 451 16.64 -14.67 11.14
N GLY A 452 16.20 -13.41 10.96
CA GLY A 452 16.47 -12.34 11.90
C GLY A 452 15.36 -12.17 12.93
N ILE A 453 15.74 -12.26 14.19
CA ILE A 453 14.83 -12.10 15.35
C ILE A 453 15.18 -10.76 15.97
N PHE A 454 14.23 -9.82 15.85
CA PHE A 454 14.35 -8.50 16.42
C PHE A 454 14.22 -8.56 17.94
N GLY A 455 14.93 -7.64 18.60
CA GLY A 455 14.83 -7.42 20.03
C GLY A 455 14.64 -5.94 20.23
N THR A 456 13.85 -5.59 21.24
CA THR A 456 13.76 -4.22 21.67
C THR A 456 14.07 -4.13 23.14
N TYR A 457 14.70 -3.04 23.54
CA TYR A 457 15.20 -2.89 24.89
C TYR A 457 15.16 -1.46 25.31
N LEU A 458 14.72 -1.22 26.54
CA LEU A 458 14.62 0.13 27.05
C LEU A 458 14.73 0.11 28.52
N ARG A 459 15.59 0.98 29.05
CA ARG A 459 15.80 1.01 30.49
C ARG A 459 16.11 2.39 30.96
N ASN A 460 15.85 2.62 32.24
CA ASN A 460 16.05 3.91 32.83
C ASN A 460 16.65 3.60 34.18
N LYS A 461 17.92 3.95 34.29
CA LYS A 461 18.84 3.48 35.37
C LYS A 461 18.79 1.99 35.46
N ASP A 462 18.51 1.46 36.66
CA ASP A 462 18.32 0.03 36.80
C ASP A 462 16.88 -0.50 36.53
N LYS A 463 16.02 0.29 35.93
CA LYS A 463 14.65 -0.17 35.65
C LYS A 463 14.60 -0.58 34.19
N ILE A 464 14.26 -1.85 33.98
CA ILE A 464 14.12 -2.39 32.65
C ILE A 464 12.69 -2.13 32.27
N ILE A 465 12.47 -1.30 31.26
CA ILE A 465 11.14 -0.97 30.80
C ILE A 465 10.69 -1.89 29.66
N ILE A 466 11.57 -2.23 28.71
CA ILE A 466 11.24 -3.19 27.65
C ILE A 466 12.48 -4.07 27.56
N ASN A 467 12.30 -5.38 27.48
CA ASN A 467 13.37 -6.29 27.05
C ASN A 467 12.67 -7.48 26.39
N ASN A 468 12.53 -7.40 25.06
CA ASN A 468 11.62 -8.21 24.26
C ASN A 468 12.20 -8.86 23.05
N GLU A 469 11.78 -10.10 22.81
CA GLU A 469 11.76 -10.71 21.49
C GLU A 469 10.68 -9.91 20.73
N SER A 470 11.01 -9.32 19.58
CA SER A 470 10.05 -8.39 18.93
C SER A 470 9.78 -8.71 17.46
N GLY A 471 9.38 -9.94 17.16
CA GLY A 471 9.00 -10.30 15.81
C GLY A 471 10.26 -10.63 14.99
N TYR A 472 10.14 -10.70 13.69
CA TYR A 472 11.19 -11.32 12.91
C TYR A 472 11.16 -10.91 11.47
N MET A 473 12.24 -11.20 10.75
N MET A 473 12.22 -11.23 10.75
CA MET A 473 12.24 -11.23 9.28
CA MET A 473 12.21 -11.24 9.28
C MET A 473 13.03 -12.46 8.83
C MET A 473 12.95 -12.51 8.85
N VAL A 474 12.90 -12.85 7.56
CA VAL A 474 13.75 -13.92 7.01
C VAL A 474 14.31 -13.46 5.65
N ARG A 475 15.60 -13.70 5.46
CA ARG A 475 16.22 -13.47 4.17
C ARG A 475 16.55 -14.80 3.54
N THR A 476 16.12 -14.96 2.28
CA THR A 476 16.24 -16.22 1.57
C THR A 476 17.11 -15.95 0.30
N LYS A 477 18.03 -16.87 -0.02
CA LYS A 477 18.97 -16.68 -1.14
C LYS A 477 19.18 -17.99 -1.92
N ILE A 478 19.29 -17.90 -3.25
CA ILE A 478 19.59 -19.10 -4.06
C ILE A 478 20.92 -19.67 -3.54
N SER A 479 21.02 -21.00 -3.49
CA SER A 479 22.05 -21.80 -2.75
C SER A 479 23.61 -21.54 -2.68
N SER A 480 24.12 -21.10 -3.82
CA SER A 480 25.57 -21.12 -4.29
C SER A 480 25.92 -22.38 -5.11
N SER A 481 25.18 -23.47 -4.90
CA SER A 481 25.39 -24.68 -5.68
C SER A 481 24.62 -24.63 -6.97
N TYR A 482 24.10 -23.47 -7.28
CA TYR A 482 23.27 -23.34 -8.42
C TYR A 482 23.57 -22.00 -9.01
N GLU A 483 22.71 -21.63 -9.89
CA GLU A 483 23.03 -20.45 -10.59
C GLU A 483 23.30 -19.20 -9.61
N GLY A 484 23.00 -19.22 -8.27
CA GLY A 484 23.13 -17.99 -7.39
C GLY A 484 24.48 -17.77 -6.69
N GLY A 485 24.58 -17.91 -5.33
CA GLY A 485 25.86 -17.82 -4.56
C GLY A 485 25.83 -16.79 -3.41
N VAL A 486 26.84 -15.92 -3.38
CA VAL A 486 26.95 -14.67 -2.54
C VAL A 486 27.59 -13.55 -3.43
N LEU A 487 26.75 -12.57 -3.89
CA LEU A 487 27.18 -11.52 -4.84
C LEU A 487 26.07 -10.59 -5.37
N PRO A 488 24.94 -10.44 -4.63
CA PRO A 488 23.63 -9.77 -5.06
C PRO A 488 23.23 -8.29 -5.09
N GLY A 489 21.91 -8.26 -4.82
CA GLY A 489 20.97 -7.15 -4.63
C GLY A 489 20.35 -7.38 -3.21
N PHE A 490 20.63 -8.60 -2.65
CA PHE A 490 20.28 -9.20 -1.30
C PHE A 490 19.01 -10.10 -1.27
N GLY A 491 19.13 -11.30 -1.87
CA GLY A 491 18.09 -12.32 -2.04
C GLY A 491 16.64 -11.84 -2.09
N VAL A 492 15.82 -12.63 -1.41
CA VAL A 492 14.45 -12.37 -1.32
C VAL A 492 13.92 -12.42 0.17
N VAL A 493 12.79 -11.78 0.46
CA VAL A 493 12.20 -11.85 1.83
C VAL A 493 11.31 -13.06 1.96
N ASP A 494 11.11 -13.55 3.17
CA ASP A 494 10.49 -14.85 3.41
C ASP A 494 9.93 -14.85 4.82
N THR A 495 9.28 -15.96 5.20
CA THR A 495 8.99 -16.26 6.60
C THR A 495 9.51 -17.68 6.89
N VAL A 496 8.92 -18.38 7.86
CA VAL A 496 9.21 -19.79 8.06
C VAL A 496 7.92 -20.50 8.34
N TYR A 497 7.98 -21.84 8.26
CA TYR A 497 6.92 -22.75 8.50
C TYR A 497 7.43 -23.71 9.56
N LEU A 498 6.86 -23.56 10.75
CA LEU A 498 7.29 -24.33 11.90
C LEU A 498 7.03 -25.83 11.80
N THR A 499 8.27 -26.35 12.17
CA THR A 499 8.69 -27.76 12.23
C THR A 499 9.04 -28.48 10.98
N PHE B 29 -9.94 27.76 -3.02
CA PHE B 29 -9.62 28.04 -1.60
C PHE B 29 -8.31 28.83 -1.43
N ASP B 30 -7.70 29.13 -2.57
CA ASP B 30 -6.37 29.76 -2.82
C ASP B 30 -5.09 29.19 -2.30
N TYR B 31 -4.85 27.97 -2.76
CA TYR B 31 -3.70 27.20 -2.38
C TYR B 31 -2.44 27.66 -3.13
N HIS B 32 -2.63 28.49 -4.16
CA HIS B 32 -1.51 29.03 -4.95
C HIS B 32 -0.63 30.00 -4.12
N ARG B 33 -1.21 30.51 -3.04
CA ARG B 33 -0.57 31.44 -2.12
C ARG B 33 0.51 30.75 -1.27
N ILE B 34 0.20 29.56 -0.73
CA ILE B 34 1.09 28.77 0.15
C ILE B 34 2.50 28.74 -0.44
N ASP B 35 3.51 29.00 0.37
CA ASP B 35 4.84 29.11 -0.23
C ASP B 35 5.37 27.77 -0.68
N GLN B 36 6.20 27.85 -1.71
CA GLN B 36 6.81 26.67 -2.35
C GLN B 36 7.34 25.69 -1.30
N LYS B 37 8.05 26.19 -0.27
CA LYS B 37 8.72 25.31 0.71
C LYS B 37 7.72 24.42 1.46
N LEU B 38 6.63 25.05 1.90
CA LEU B 38 5.62 24.35 2.65
C LEU B 38 4.91 23.39 1.72
N LEU B 39 4.44 23.91 0.57
N LEU B 39 4.44 23.88 0.58
CA LEU B 39 3.78 23.07 -0.43
CA LEU B 39 3.70 22.97 -0.30
C LEU B 39 4.56 21.79 -0.64
C LEU B 39 4.55 21.77 -0.77
N GLN B 40 5.86 21.94 -0.91
CA GLN B 40 6.79 20.81 -1.18
C GLN B 40 6.71 19.70 -0.10
N ASN B 41 6.50 20.14 1.14
CA ASN B 41 6.40 19.30 2.30
C ASN B 41 5.06 18.59 2.32
N ILE B 42 4.01 19.29 1.95
CA ILE B 42 2.65 18.75 2.03
C ILE B 42 2.59 17.71 0.94
N VAL B 43 3.26 18.01 -0.17
CA VAL B 43 3.29 17.13 -1.35
C VAL B 43 4.02 15.85 -0.96
N TYR B 44 5.17 16.02 -0.33
CA TYR B 44 5.93 14.83 0.14
C TYR B 44 5.07 13.91 0.98
N ASP B 45 4.31 14.48 1.92
CA ASP B 45 3.53 13.72 2.84
C ASP B 45 2.40 13.02 2.09
N ALA B 46 1.81 13.66 1.05
CA ALA B 46 0.78 13.02 0.26
C ALA B 46 1.28 11.83 -0.57
N LEU B 47 2.49 11.94 -1.09
CA LEU B 47 3.02 10.85 -1.86
C LEU B 47 3.34 9.66 -0.95
N VAL B 48 3.82 9.95 0.26
CA VAL B 48 4.07 8.93 1.33
C VAL B 48 2.77 8.26 1.66
N TRP B 49 1.73 9.05 1.97
CA TRP B 49 0.44 8.51 2.41
C TRP B 49 -0.16 7.62 1.32
N SER B 50 -0.02 8.05 0.06
CA SER B 50 -0.55 7.36 -1.12
C SER B 50 0.08 6.02 -1.28
N THR B 51 1.41 5.99 -1.15
CA THR B 51 2.12 4.70 -1.26
C THR B 51 1.71 3.73 -0.14
N LEU B 52 1.72 4.19 1.12
CA LEU B 52 1.34 3.36 2.24
C LEU B 52 -0.08 2.82 2.23
N ASN B 53 -0.99 3.54 1.58
CA ASN B 53 -2.40 3.16 1.61
C ASN B 53 -3.02 2.70 0.28
N CYS B 54 -2.14 2.41 -0.67
CA CYS B 54 -2.57 1.91 -1.99
C CYS B 54 -3.47 2.84 -2.79
N LEU B 55 -3.11 4.12 -2.81
CA LEU B 55 -3.69 5.10 -3.70
C LEU B 55 -2.72 5.05 -4.87
N LEU B 56 -2.77 3.94 -5.58
CA LEU B 56 -1.72 3.57 -6.56
C LEU B 56 -2.39 2.99 -7.77
N VAL B 57 -1.81 3.25 -8.94
CA VAL B 57 -2.24 2.62 -10.17
C VAL B 57 -1.03 2.15 -10.98
N GLY B 58 -1.29 1.26 -11.91
CA GLY B 58 -0.32 0.89 -12.95
C GLY B 58 0.00 2.17 -13.69
N ASP B 59 1.28 2.41 -13.87
CA ASP B 59 1.79 3.55 -14.62
C ASP B 59 1.58 3.35 -16.14
N LYS B 60 0.87 4.26 -16.81
CA LYS B 60 0.64 4.20 -18.26
C LYS B 60 1.89 3.86 -19.07
N SER B 61 3.03 4.39 -18.64
CA SER B 61 4.24 4.22 -19.43
C SER B 61 4.94 2.86 -19.28
N VAL B 62 4.48 2.04 -18.35
CA VAL B 62 5.14 0.77 -18.08
C VAL B 62 4.19 -0.25 -18.63
N GLN B 63 4.64 -0.89 -19.70
CA GLN B 63 3.80 -1.69 -20.59
C GLN B 63 3.08 -2.89 -19.95
N ARG B 64 3.62 -3.44 -18.86
CA ARG B 64 2.98 -4.57 -18.21
C ARG B 64 2.05 -4.17 -17.05
N SER B 65 2.02 -2.89 -16.68
CA SER B 65 1.37 -2.44 -15.41
C SER B 65 -0.17 -2.63 -15.31
N GLY B 66 -0.81 -2.87 -16.47
CA GLY B 66 -2.26 -3.07 -16.59
C GLY B 66 -2.62 -4.56 -16.58
N ARG B 67 -1.59 -5.39 -16.57
CA ARG B 67 -1.74 -6.83 -16.61
C ARG B 67 -1.05 -7.58 -15.44
N VAL B 68 0.11 -7.11 -15.04
CA VAL B 68 0.85 -7.84 -13.97
C VAL B 68 0.76 -7.02 -12.66
N PRO B 69 0.14 -7.57 -11.60
CA PRO B 69 0.14 -6.80 -10.34
C PRO B 69 1.55 -6.60 -9.77
N GLY B 70 1.76 -5.52 -9.02
CA GLY B 70 2.97 -5.45 -8.24
C GLY B 70 4.09 -4.76 -8.98
N VAL B 71 3.89 -4.43 -10.26
CA VAL B 71 4.92 -3.83 -11.10
C VAL B 71 4.49 -2.49 -11.72
N GLY B 72 5.45 -1.62 -11.99
CA GLY B 72 5.21 -0.31 -12.58
C GLY B 72 4.10 0.49 -11.93
N LEU B 73 4.17 0.62 -10.61
CA LEU B 73 3.18 1.32 -9.79
C LEU B 73 3.48 2.79 -9.61
N VAL B 74 2.44 3.65 -9.58
CA VAL B 74 2.63 5.09 -9.36
C VAL B 74 1.38 5.60 -8.61
N HIS B 75 1.52 6.63 -7.78
CA HIS B 75 0.38 7.15 -7.08
C HIS B 75 -0.69 7.63 -8.12
N LEU B 76 -1.97 7.65 -7.75
CA LEU B 76 -3.01 8.25 -8.61
C LEU B 76 -2.74 9.73 -8.84
N PRO B 77 -2.91 10.26 -10.07
CA PRO B 77 -2.82 11.72 -10.16
C PRO B 77 -3.89 12.36 -9.29
N LEU B 78 -3.52 13.35 -8.46
CA LEU B 78 -4.41 13.77 -7.40
C LEU B 78 -4.35 15.29 -7.15
N SER B 79 -5.40 15.82 -6.54
CA SER B 79 -5.39 17.25 -6.11
C SER B 79 -4.94 17.27 -4.65
N LEU B 80 -4.00 18.12 -4.31
CA LEU B 80 -3.36 18.05 -2.99
C LEU B 80 -4.34 18.33 -1.87
N LEU B 81 -5.29 19.23 -2.12
CA LEU B 81 -6.11 19.75 -1.05
C LEU B 81 -7.51 20.05 -1.55
N PRO B 82 -8.52 19.72 -0.76
CA PRO B 82 -9.88 19.73 -1.30
C PRO B 82 -10.34 21.15 -1.75
N GLY B 83 -11.27 21.19 -2.69
CA GLY B 83 -11.91 22.44 -3.10
C GLY B 83 -13.15 22.67 -2.28
N PRO B 84 -13.61 23.95 -2.20
CA PRO B 84 -14.82 24.29 -1.48
C PRO B 84 -16.11 23.67 -2.10
N PHE B 85 -17.09 23.33 -1.28
CA PHE B 85 -18.31 22.80 -1.83
C PHE B 85 -19.39 23.05 -0.79
N PRO B 86 -20.48 23.82 -1.10
CA PRO B 86 -21.45 24.09 -0.05
C PRO B 86 -22.04 22.85 0.59
N GLU B 87 -22.16 22.89 1.92
CA GLU B 87 -22.81 21.83 2.68
C GLU B 87 -24.23 21.60 2.23
N SER B 88 -24.92 22.68 1.89
CA SER B 88 -26.33 22.54 1.52
C SER B 88 -26.41 21.71 0.26
N HIS B 89 -25.50 21.95 -0.67
CA HIS B 89 -25.50 21.24 -1.93
C HIS B 89 -25.00 19.83 -1.81
N TRP B 90 -24.00 19.62 -0.98
CA TRP B 90 -23.60 18.27 -0.63
C TRP B 90 -24.79 17.51 -0.07
N LYS B 91 -25.55 18.08 0.85
CA LYS B 91 -26.73 17.31 1.35
C LYS B 91 -27.77 17.01 0.27
N GLN B 92 -27.97 17.94 -0.69
CA GLN B 92 -28.93 17.70 -1.79
C GLN B 92 -28.57 16.45 -2.61
N GLY B 93 -27.30 16.34 -3.00
CA GLY B 93 -26.86 15.12 -3.70
C GLY B 93 -26.96 13.86 -2.84
N CYS B 94 -26.76 14.02 -1.52
N CYS B 94 -26.75 14.03 -1.54
CA CYS B 94 -26.98 12.90 -0.56
CA CYS B 94 -26.91 12.91 -0.62
C CYS B 94 -28.40 12.42 -0.62
C CYS B 94 -28.37 12.44 -0.52
N GLU B 95 -29.34 13.35 -0.51
CA GLU B 95 -30.76 13.00 -0.60
C GLU B 95 -31.18 12.41 -1.93
N LEU B 96 -30.57 12.91 -3.00
CA LEU B 96 -30.88 12.44 -4.34
C LEU B 96 -30.43 11.01 -4.62
N ALA B 97 -29.37 10.52 -3.93
CA ALA B 97 -28.89 9.11 -4.18
C ALA B 97 -29.95 7.99 -4.20
N PRO B 98 -30.75 7.83 -3.12
CA PRO B 98 -31.83 6.81 -3.20
C PRO B 98 -33.00 7.17 -4.13
N ILE B 99 -33.24 8.45 -4.39
CA ILE B 99 -34.26 8.83 -5.39
C ILE B 99 -33.80 8.35 -6.78
N PHE B 100 -32.51 8.53 -7.07
CA PHE B 100 -31.98 8.10 -8.36
C PHE B 100 -31.94 6.60 -8.46
N ASN B 101 -31.60 5.88 -7.39
CA ASN B 101 -31.73 4.41 -7.40
C ASN B 101 -33.11 3.91 -7.84
N GLU B 102 -34.14 4.48 -7.23
CA GLU B 102 -35.50 4.14 -7.59
C GLU B 102 -35.83 4.59 -9.01
N LEU B 103 -35.37 5.76 -9.44
CA LEU B 103 -35.64 6.20 -10.81
C LEU B 103 -35.04 5.23 -11.81
N VAL B 104 -33.79 4.80 -11.54
CA VAL B 104 -33.07 3.89 -12.42
C VAL B 104 -33.85 2.58 -12.48
N ASP B 105 -34.32 2.08 -11.34
CA ASP B 105 -35.00 0.80 -11.37
C ASP B 105 -36.36 0.91 -12.13
N ARG B 106 -37.13 1.98 -11.88
CA ARG B 106 -38.41 2.17 -12.63
C ARG B 106 -38.24 2.35 -14.15
N VAL B 107 -37.26 3.14 -14.59
CA VAL B 107 -37.09 3.36 -16.04
C VAL B 107 -36.67 2.04 -16.70
N SER B 108 -35.89 1.23 -15.99
CA SER B 108 -35.34 0.01 -16.58
C SER B 108 -36.41 -1.00 -16.91
N LEU B 109 -37.54 -0.86 -16.22
CA LEU B 109 -38.66 -1.81 -16.31
C LEU B 109 -39.60 -1.43 -17.42
N ASP B 110 -39.53 -0.18 -17.88
CA ASP B 110 -40.23 0.23 -19.10
C ASP B 110 -39.46 -0.12 -20.38
N GLY B 111 -39.39 -1.42 -20.67
CA GLY B 111 -38.83 -1.94 -21.92
C GLY B 111 -39.12 -1.18 -23.21
N LYS B 112 -40.37 -0.81 -23.48
CA LYS B 112 -40.64 -0.12 -24.74
C LYS B 112 -40.19 1.32 -24.77
N PHE B 113 -40.24 2.03 -23.64
CA PHE B 113 -39.66 3.37 -23.59
C PHE B 113 -38.19 3.37 -24.04
N LEU B 114 -37.44 2.37 -23.57
CA LEU B 114 -36.01 2.21 -23.85
C LEU B 114 -35.74 1.89 -25.30
N GLN B 115 -36.43 0.86 -25.79
CA GLN B 115 -36.40 0.46 -27.20
C GLN B 115 -36.79 1.64 -28.06
N GLU B 116 -37.90 2.30 -27.70
CA GLU B 116 -38.39 3.44 -28.49
C GLU B 116 -37.44 4.65 -28.55
N SER B 117 -36.90 5.07 -27.39
CA SER B 117 -36.05 6.27 -27.35
C SER B 117 -34.75 5.98 -28.06
N LEU B 118 -34.33 4.73 -28.05
CA LEU B 118 -33.02 4.35 -28.60
C LEU B 118 -33.18 3.70 -29.99
N ASP B 125 -26.55 3.79 -33.85
CA ASP B 125 -25.17 3.51 -33.46
C ASP B 125 -24.98 2.02 -33.13
N GLU B 126 -23.84 1.51 -33.58
CA GLU B 126 -23.57 0.07 -33.59
C GLU B 126 -23.49 -0.52 -32.18
N PHE B 127 -22.73 0.11 -31.31
CA PHE B 127 -22.61 -0.37 -29.94
C PHE B 127 -23.96 -0.36 -29.27
N THR B 128 -24.69 0.74 -29.40
CA THR B 128 -26.00 0.85 -28.73
C THR B 128 -26.99 -0.15 -29.29
N SER B 129 -26.94 -0.38 -30.61
CA SER B 129 -27.84 -1.35 -31.19
C SER B 129 -27.53 -2.81 -30.84
N ARG B 130 -26.26 -3.11 -30.53
CA ARG B 130 -25.92 -4.46 -29.99
C ARG B 130 -26.47 -4.67 -28.58
N LEU B 131 -26.43 -3.62 -27.74
CA LEU B 131 -27.04 -3.70 -26.42
C LEU B 131 -28.54 -3.86 -26.58
N LEU B 132 -29.12 -3.09 -27.51
CA LEU B 132 -30.55 -3.19 -27.78
C LEU B 132 -30.88 -4.62 -28.16
N ASP B 133 -30.06 -5.22 -29.02
CA ASP B 133 -30.29 -6.62 -29.44
C ASP B 133 -30.37 -7.56 -28.23
N ILE B 134 -29.60 -7.29 -27.20
CA ILE B 134 -29.58 -8.18 -26.04
C ILE B 134 -30.84 -7.97 -25.24
N HIS B 135 -31.24 -6.71 -25.11
CA HIS B 135 -32.43 -6.35 -24.34
C HIS B 135 -33.72 -6.88 -24.97
N SER B 136 -33.88 -6.77 -26.28
CA SER B 136 -35.10 -7.19 -26.98
C SER B 136 -35.25 -8.66 -26.77
N LYS B 137 -34.11 -9.35 -26.84
CA LYS B 137 -34.01 -10.77 -26.62
C LYS B 137 -34.47 -11.21 -25.25
N MET B 138 -34.16 -10.41 -24.22
CA MET B 138 -34.62 -10.67 -22.85
C MET B 138 -36.09 -10.31 -22.65
N LEU B 139 -36.53 -9.25 -23.34
CA LEU B 139 -37.94 -8.90 -23.43
C LEU B 139 -38.76 -10.06 -24.02
N GLN B 140 -38.21 -10.71 -25.04
CA GLN B 140 -38.79 -11.94 -25.60
C GLN B 140 -38.87 -13.03 -24.51
N ILE B 141 -37.72 -13.43 -23.97
CA ILE B 141 -37.60 -14.43 -22.89
C ILE B 141 -38.53 -14.19 -21.70
N ASN B 142 -38.61 -12.95 -21.22
CA ASN B 142 -39.72 -12.55 -20.31
C ASN B 142 -39.73 -13.32 -18.98
N LYS B 143 -38.53 -13.60 -18.45
CA LYS B 143 -38.29 -14.46 -17.27
C LYS B 143 -38.95 -14.03 -15.93
N ILE B 147 -34.96 -10.58 -8.26
CA ILE B 147 -33.86 -9.83 -7.53
C ILE B 147 -33.19 -8.86 -8.48
N ARG B 148 -33.12 -7.59 -8.08
CA ARG B 148 -32.44 -6.62 -8.90
C ARG B 148 -31.48 -5.81 -8.04
N MET B 149 -30.35 -5.39 -8.62
CA MET B 149 -29.40 -4.57 -7.84
C MET B 149 -28.68 -3.56 -8.72
N GLY B 150 -28.19 -2.50 -8.10
CA GLY B 150 -27.30 -1.60 -8.82
C GLY B 150 -26.21 -1.01 -7.95
N ILE B 151 -25.04 -0.76 -8.50
CA ILE B 151 -24.02 0.08 -7.79
C ILE B 151 -23.78 1.17 -8.80
N VAL B 152 -24.24 2.38 -8.49
CA VAL B 152 -24.28 3.40 -9.53
C VAL B 152 -23.68 4.66 -8.94
N ARG B 153 -23.59 5.71 -9.74
CA ARG B 153 -22.97 6.98 -9.35
C ARG B 153 -23.54 8.14 -10.20
N SER B 154 -23.97 9.19 -9.52
CA SER B 154 -24.57 10.36 -10.14
C SER B 154 -23.52 11.42 -10.00
N ASP B 155 -23.09 12.02 -11.11
CA ASP B 155 -22.06 13.02 -11.09
C ASP B 155 -22.70 14.40 -11.19
N TYR B 156 -22.23 15.34 -10.37
CA TYR B 156 -22.75 16.73 -10.30
C TYR B 156 -21.60 17.79 -10.42
N MET B 157 -21.99 19.01 -10.75
CA MET B 157 -21.10 20.16 -10.71
C MET B 157 -21.94 21.29 -10.14
N ILE B 158 -21.31 22.23 -9.42
CA ILE B 158 -21.98 23.45 -8.97
C ILE B 158 -21.94 24.44 -10.15
N ASP B 159 -23.10 25.00 -10.53
CA ASP B 159 -23.19 25.90 -11.65
C ASP B 159 -23.14 27.33 -11.12
N GLU B 160 -22.30 28.14 -11.73
CA GLU B 160 -22.11 29.55 -11.32
C GLU B 160 -23.27 30.46 -11.62
N LYS B 161 -23.95 30.24 -12.75
CA LYS B 161 -25.09 31.07 -13.24
C LYS B 161 -26.22 31.13 -12.19
N THR B 162 -26.71 29.94 -11.86
CA THR B 162 -27.63 29.72 -10.78
C THR B 162 -26.64 29.41 -9.70
N LYS B 163 -27.02 29.07 -8.50
CA LYS B 163 -25.93 28.49 -7.70
C LYS B 163 -26.08 27.01 -7.56
N SER B 164 -26.60 26.34 -8.59
CA SER B 164 -27.22 25.04 -8.40
C SER B 164 -26.26 23.88 -8.52
N LEU B 165 -26.61 22.80 -7.84
CA LEU B 165 -26.01 21.49 -8.03
C LEU B 165 -26.72 20.87 -9.19
N LEU B 166 -26.01 20.70 -10.31
CA LEU B 166 -26.62 20.11 -11.51
C LEU B 166 -26.02 18.75 -11.80
N GLN B 167 -26.85 17.82 -12.19
CA GLN B 167 -26.38 16.53 -12.64
C GLN B 167 -25.84 16.68 -14.02
N ILE B 168 -24.66 16.07 -14.23
CA ILE B 168 -23.97 16.03 -15.50
C ILE B 168 -23.86 14.58 -16.03
N GLU B 169 -24.06 13.58 -15.17
CA GLU B 169 -24.07 12.19 -15.66
C GLU B 169 -24.65 11.29 -14.64
N MET B 170 -25.31 10.24 -15.09
CA MET B 170 -25.76 9.13 -14.25
C MET B 170 -25.10 7.85 -14.77
N ASN B 171 -24.26 7.22 -13.95
CA ASN B 171 -23.43 6.07 -14.38
C ASN B 171 -24.13 4.87 -13.84
N THR B 172 -24.68 4.03 -14.73
CA THR B 172 -25.49 2.90 -14.25
C THR B 172 -24.78 1.55 -14.21
N ILE B 173 -23.55 1.50 -14.71
CA ILE B 173 -22.81 0.26 -14.88
C ILE B 173 -21.34 0.50 -14.69
N SER B 174 -20.64 -0.40 -13.97
CA SER B 174 -19.18 -0.36 -13.92
C SER B 174 -18.60 1.01 -13.41
N THR B 175 -19.16 1.53 -12.30
CA THR B 175 -18.69 2.81 -11.75
C THR B 175 -17.42 2.61 -10.92
N SER B 176 -16.37 3.33 -11.30
CA SER B 176 -15.06 3.17 -10.67
C SER B 176 -14.95 4.16 -9.54
N PHE B 177 -13.91 3.96 -8.72
CA PHE B 177 -13.41 4.97 -7.78
C PHE B 177 -14.07 4.93 -6.42
N ALA B 178 -14.73 3.83 -6.08
CA ALA B 178 -15.26 3.66 -4.72
C ALA B 178 -14.01 3.59 -3.77
N LEU B 179 -12.94 2.89 -4.17
CA LEU B 179 -11.77 2.78 -3.28
C LEU B 179 -11.02 4.08 -3.34
N ILE B 180 -10.79 4.53 -4.55
CA ILE B 180 -9.99 5.71 -4.76
C ILE B 180 -10.65 6.91 -4.05
N GLY B 181 -11.98 6.99 -4.12
CA GLY B 181 -12.70 8.10 -3.51
C GLY B 181 -12.58 8.04 -2.01
N CYS B 182 -12.71 6.84 -1.41
CA CYS B 182 -12.57 6.88 0.02
C CYS B 182 -11.11 6.89 0.52
N LEU B 183 -10.13 6.49 -0.29
CA LEU B 183 -8.72 6.81 0.05
C LEU B 183 -8.38 8.30 -0.02
N MET B 184 -8.92 9.03 -1.01
CA MET B 184 -8.71 10.48 -1.05
C MET B 184 -9.32 11.15 0.16
N THR B 185 -10.45 10.64 0.63
CA THR B 185 -11.02 11.14 1.86
C THR B 185 -9.93 11.00 2.96
N GLY B 186 -9.34 9.82 3.02
CA GLY B 186 -8.28 9.58 4.08
C GLY B 186 -7.08 10.44 3.90
N LEU B 187 -6.56 10.54 2.68
CA LEU B 187 -5.42 11.43 2.43
C LEU B 187 -5.72 12.86 2.88
N HIS B 188 -6.82 13.42 2.40
CA HIS B 188 -7.14 14.80 2.77
C HIS B 188 -7.36 15.03 4.25
N LYS B 189 -8.04 14.10 4.93
CA LYS B 189 -8.20 14.22 6.37
C LYS B 189 -6.83 14.12 7.06
N SER B 190 -5.92 13.30 6.51
CA SER B 190 -4.57 13.20 7.08
C SER B 190 -3.79 14.53 6.89
N LEU B 191 -3.81 15.08 5.69
CA LEU B 191 -3.09 16.34 5.43
C LEU B 191 -3.61 17.55 6.26
N LEU B 192 -4.94 17.63 6.40
CA LEU B 192 -5.57 18.70 7.18
C LEU B 192 -5.46 18.49 8.68
N SER B 193 -5.13 17.26 9.08
CA SER B 193 -4.75 17.07 10.47
C SER B 193 -3.37 17.67 10.72
N GLN B 194 -2.44 17.43 9.80
N GLN B 194 -2.42 17.41 9.84
CA GLN B 194 -1.06 17.91 9.92
CA GLN B 194 -1.08 17.96 9.99
C GLN B 194 -0.90 19.41 9.63
C GLN B 194 -1.05 19.48 9.76
N TYR B 195 -1.68 19.92 8.67
CA TYR B 195 -1.50 21.30 8.19
C TYR B 195 -2.72 22.21 8.35
N GLY B 196 -3.78 21.69 8.96
CA GLY B 196 -5.06 22.37 8.98
C GLY B 196 -5.08 23.67 9.78
N LYS B 197 -4.72 23.59 11.06
CA LYS B 197 -4.64 24.78 11.91
C LYS B 197 -3.91 25.96 11.21
N PHE B 198 -2.71 25.72 10.71
CA PHE B 198 -2.04 26.72 9.91
C PHE B 198 -3.01 27.41 8.89
N LEU B 199 -3.52 26.64 7.92
CA LEU B 199 -4.29 27.20 6.78
C LEU B 199 -5.74 27.50 7.12
N GLY B 200 -6.15 27.21 8.35
CA GLY B 200 -7.49 27.53 8.80
C GLY B 200 -8.48 26.59 8.15
N LEU B 201 -8.07 25.33 8.05
CA LEU B 201 -8.92 24.27 7.56
C LEU B 201 -8.97 23.12 8.57
N ASN B 202 -10.13 22.54 8.67
CA ASN B 202 -10.45 21.52 9.61
C ASN B 202 -10.73 20.18 8.89
N SER B 203 -9.86 19.20 9.08
CA SER B 203 -10.07 17.88 8.47
C SER B 203 -11.53 17.40 8.59
N ASN B 204 -12.28 17.88 9.59
CA ASN B 204 -13.67 17.42 9.72
C ASN B 204 -14.67 18.07 8.75
N ARG B 205 -14.17 18.95 7.91
CA ARG B 205 -15.05 19.52 6.87
C ARG B 205 -14.93 18.71 5.56
N VAL B 206 -14.03 17.71 5.58
CA VAL B 206 -13.97 16.71 4.48
C VAL B 206 -14.94 15.58 4.81
N PRO B 207 -15.97 15.35 3.97
CA PRO B 207 -16.99 14.38 4.49
C PRO B 207 -16.53 12.92 4.61
N ALA B 208 -17.18 12.16 5.48
CA ALA B 208 -16.82 10.78 5.79
C ALA B 208 -17.17 9.96 4.57
N ASN B 209 -16.47 8.85 4.38
CA ASN B 209 -16.62 8.18 3.14
C ASN B 209 -16.34 6.69 3.37
N ASN B 210 -17.34 5.89 2.95
CA ASN B 210 -17.42 4.44 3.16
C ASN B 210 -17.60 3.70 1.80
N ALA B 211 -17.38 4.42 0.69
CA ALA B 211 -17.85 3.96 -0.64
C ALA B 211 -17.51 2.52 -0.96
N VAL B 212 -16.24 2.15 -0.77
CA VAL B 212 -15.83 0.80 -1.19
C VAL B 212 -16.46 -0.29 -0.27
N ASP B 213 -16.53 0.00 1.04
CA ASP B 213 -17.17 -0.89 2.01
C ASP B 213 -18.63 -1.10 1.62
N GLN B 214 -19.32 -0.01 1.22
CA GLN B 214 -20.74 -0.09 0.82
C GLN B 214 -20.96 -0.87 -0.50
N SER B 215 -20.04 -0.72 -1.46
CA SER B 215 -20.04 -1.55 -2.65
C SER B 215 -19.95 -3.04 -2.31
N ALA B 216 -18.93 -3.39 -1.50
CA ALA B 216 -18.74 -4.82 -1.15
C ALA B 216 -19.97 -5.35 -0.39
N GLU B 217 -20.43 -4.59 0.61
CA GLU B 217 -21.70 -4.89 1.29
C GLU B 217 -22.87 -5.16 0.29
N ALA B 218 -23.00 -4.33 -0.73
CA ALA B 218 -24.12 -4.50 -1.64
C ALA B 218 -23.97 -5.82 -2.35
N LEU B 219 -22.77 -6.12 -2.83
CA LEU B 219 -22.54 -7.42 -3.51
C LEU B 219 -22.79 -8.63 -2.58
N ALA B 220 -22.40 -8.48 -1.32
CA ALA B 220 -22.43 -9.62 -0.37
C ALA B 220 -23.86 -9.98 -0.11
N LYS B 221 -24.70 -8.96 0.11
CA LYS B 221 -26.16 -9.12 0.31
C LYS B 221 -26.92 -9.71 -0.88
N ALA B 222 -26.58 -9.28 -2.09
CA ALA B 222 -27.10 -9.92 -3.30
C ALA B 222 -26.76 -11.41 -3.39
N TRP B 223 -25.49 -11.73 -3.09
CA TRP B 223 -25.01 -13.11 -3.01
C TRP B 223 -25.87 -13.91 -2.04
N SER B 224 -26.10 -13.34 -0.86
CA SER B 224 -26.97 -13.92 0.14
C SER B 224 -28.43 -14.12 -0.32
N GLU B 225 -29.06 -13.05 -0.82
CA GLU B 225 -30.39 -13.15 -1.41
C GLU B 225 -30.44 -14.34 -2.34
N TYR B 226 -29.47 -14.46 -3.25
CA TYR B 226 -29.50 -15.54 -4.22
C TYR B 226 -29.50 -16.89 -3.51
N ASN B 227 -29.00 -16.92 -2.28
CA ASN B 227 -28.91 -18.10 -1.44
C ASN B 227 -28.33 -19.34 -2.11
N ASN B 228 -27.07 -19.21 -2.53
CA ASN B 228 -26.26 -20.36 -2.85
C ASN B 228 -24.93 -20.23 -2.13
N PRO B 229 -24.77 -20.89 -0.97
CA PRO B 229 -23.50 -20.75 -0.23
C PRO B 229 -22.26 -21.21 -0.99
N ARG B 230 -22.43 -21.96 -2.08
CA ARG B 230 -21.27 -22.50 -2.80
C ARG B 230 -20.92 -21.68 -4.05
N ALA B 231 -21.78 -20.71 -4.39
CA ALA B 231 -21.56 -19.85 -5.55
C ALA B 231 -20.49 -18.79 -5.28
N ALA B 232 -19.80 -18.42 -6.36
CA ALA B 232 -18.86 -17.31 -6.30
C ALA B 232 -19.47 -16.05 -6.94
N ILE B 233 -18.77 -14.91 -6.81
CA ILE B 233 -19.13 -13.67 -7.53
C ILE B 233 -18.12 -13.56 -8.67
N LEU B 234 -18.63 -13.41 -9.88
CA LEU B 234 -17.78 -13.17 -11.03
C LEU B 234 -17.59 -11.66 -11.15
N VAL B 235 -16.36 -11.20 -11.20
CA VAL B 235 -16.15 -9.83 -11.62
C VAL B 235 -15.62 -9.71 -13.02
N VAL B 236 -16.36 -8.96 -13.83
CA VAL B 236 -16.03 -8.84 -15.23
C VAL B 236 -15.03 -7.69 -15.37
N VAL B 237 -13.82 -7.96 -15.89
CA VAL B 237 -12.76 -6.96 -15.93
C VAL B 237 -12.27 -6.69 -17.37
N GLN B 238 -11.63 -5.53 -17.58
CA GLN B 238 -11.05 -5.20 -18.88
C GLN B 238 -9.72 -5.93 -19.08
N VAL B 239 -9.26 -6.02 -20.32
CA VAL B 239 -8.03 -6.75 -20.61
C VAL B 239 -6.85 -6.05 -19.95
N GLU B 240 -6.83 -4.73 -20.08
CA GLU B 240 -5.76 -3.92 -19.49
C GLU B 240 -6.42 -3.12 -18.43
N GLU B 241 -5.94 -3.24 -17.20
CA GLU B 241 -6.63 -2.64 -16.06
C GLU B 241 -5.58 -2.13 -15.05
N ARG B 242 -5.10 -0.92 -15.29
N ARG B 242 -5.06 -0.94 -15.31
CA ARG B 242 -4.12 -0.19 -14.47
CA ARG B 242 -4.09 -0.27 -14.42
C ARG B 242 -4.70 0.31 -13.13
C ARG B 242 -4.71 0.12 -13.07
N ASN B 243 -6.01 0.35 -13.07
CA ASN B 243 -6.82 0.48 -11.80
C ASN B 243 -7.25 -0.88 -11.21
N MET B 244 -6.48 -1.97 -11.39
CA MET B 244 -6.95 -3.29 -10.90
C MET B 244 -7.04 -3.38 -9.37
N TYR B 245 -6.23 -2.60 -8.70
CA TYR B 245 -6.20 -2.67 -7.24
C TYR B 245 -7.49 -2.28 -6.54
N GLU B 246 -8.28 -1.34 -7.09
CA GLU B 246 -9.60 -1.05 -6.59
C GLU B 246 -10.43 -2.31 -6.59
N GLN B 247 -10.39 -3.05 -7.69
CA GLN B 247 -11.18 -4.24 -7.83
C GLN B 247 -10.62 -5.34 -6.90
N HIS B 248 -9.29 -5.44 -6.84
CA HIS B 248 -8.68 -6.41 -5.96
C HIS B 248 -9.09 -6.16 -4.49
N TYR B 249 -9.19 -4.89 -4.11
CA TYR B 249 -9.60 -4.50 -2.75
C TYR B 249 -11.03 -4.94 -2.42
N ILE B 250 -11.92 -4.83 -3.38
CA ILE B 250 -13.28 -5.26 -3.23
C ILE B 250 -13.33 -6.79 -3.08
N SER B 251 -12.59 -7.52 -3.91
CA SER B 251 -12.53 -8.97 -3.74
C SER B 251 -11.93 -9.40 -2.43
N ALA B 252 -10.97 -8.61 -1.91
CA ALA B 252 -10.38 -8.80 -0.58
C ALA B 252 -11.41 -8.57 0.54
N LEU B 253 -12.21 -7.50 0.45
CA LEU B 253 -13.37 -7.34 1.38
C LEU B 253 -14.33 -8.50 1.30
N LEU B 254 -14.72 -8.88 0.09
CA LEU B 254 -15.57 -10.02 -0.11
C LEU B 254 -15.03 -11.27 0.60
N ARG B 255 -13.73 -11.56 0.43
CA ARG B 255 -13.14 -12.79 0.93
C ARG B 255 -13.05 -12.77 2.45
N GLU B 256 -12.47 -11.68 2.94
CA GLU B 256 -12.06 -11.56 4.30
C GLU B 256 -13.17 -11.12 5.23
N LYS B 257 -13.99 -10.16 4.80
CA LYS B 257 -15.10 -9.71 5.63
C LYS B 257 -16.39 -10.52 5.45
N HIS B 258 -16.74 -10.88 4.21
CA HIS B 258 -18.03 -11.51 3.91
C HIS B 258 -17.93 -13.02 3.66
N HIS B 259 -16.71 -13.51 3.52
CA HIS B 259 -16.41 -14.93 3.28
C HIS B 259 -16.99 -15.42 1.97
N ILE B 260 -16.84 -14.63 0.92
CA ILE B 260 -17.40 -14.96 -0.37
C ILE B 260 -16.21 -15.03 -1.33
N ARG B 261 -16.16 -16.06 -2.19
CA ARG B 261 -15.10 -16.17 -3.20
C ARG B 261 -15.51 -15.32 -4.37
N SER B 262 -14.56 -14.66 -5.03
CA SER B 262 -14.87 -14.03 -6.31
C SER B 262 -13.84 -14.48 -7.32
N ILE B 263 -14.15 -14.41 -8.59
CA ILE B 263 -13.16 -14.69 -9.63
C ILE B 263 -13.23 -13.59 -10.67
N ARG B 264 -12.10 -13.21 -11.26
CA ARG B 264 -12.12 -12.10 -12.20
C ARG B 264 -11.87 -12.69 -13.55
N LYS B 265 -12.67 -12.26 -14.55
CA LYS B 265 -12.50 -12.73 -15.92
C LYS B 265 -12.84 -11.63 -16.94
N THR B 266 -12.16 -11.64 -18.08
CA THR B 266 -12.53 -10.79 -19.20
C THR B 266 -13.72 -11.41 -19.95
N LEU B 267 -14.45 -10.59 -20.71
CA LEU B 267 -15.58 -11.08 -21.46
C LEU B 267 -15.19 -12.22 -22.42
N THR B 268 -14.00 -12.17 -22.99
CA THR B 268 -13.59 -13.29 -23.86
C THR B 268 -13.21 -14.56 -23.10
N GLU B 269 -12.61 -14.43 -21.93
CA GLU B 269 -12.38 -15.54 -21.03
C GLU B 269 -13.71 -16.19 -20.62
N ILE B 270 -14.75 -15.36 -20.38
CA ILE B 270 -16.10 -15.88 -20.07
C ILE B 270 -16.73 -16.64 -21.26
N ASP B 271 -16.60 -16.12 -22.49
CA ASP B 271 -16.99 -16.84 -23.71
C ASP B 271 -16.33 -18.25 -23.76
N GLN B 272 -15.02 -18.30 -23.51
CA GLN B 272 -14.22 -19.51 -23.62
C GLN B 272 -14.51 -20.52 -22.52
N GLU B 273 -14.75 -20.03 -21.30
CA GLU B 273 -14.75 -20.84 -20.08
C GLU B 273 -16.13 -20.99 -19.47
N GLY B 274 -17.03 -20.06 -19.76
CA GLY B 274 -18.30 -20.04 -19.08
C GLY B 274 -19.30 -20.93 -19.79
N LYS B 275 -20.14 -21.59 -19.00
CA LYS B 275 -21.24 -22.36 -19.53
C LYS B 275 -22.48 -22.31 -18.65
N ILE B 276 -23.62 -22.44 -19.29
CA ILE B 276 -24.87 -22.58 -18.60
C ILE B 276 -25.19 -24.06 -18.53
N LEU B 277 -25.45 -24.52 -17.31
CA LEU B 277 -25.69 -25.92 -17.05
C LEU B 277 -27.09 -26.25 -17.53
N PRO B 278 -27.45 -27.55 -17.54
CA PRO B 278 -28.83 -27.89 -17.83
C PRO B 278 -29.87 -27.20 -16.94
N ASP B 279 -29.55 -26.90 -15.68
CA ASP B 279 -30.50 -26.14 -14.83
C ASP B 279 -30.41 -24.60 -14.98
N GLY B 280 -29.74 -24.12 -16.03
CA GLY B 280 -29.73 -22.68 -16.33
C GLY B 280 -28.72 -21.85 -15.53
N THR B 281 -27.97 -22.54 -14.68
CA THR B 281 -27.04 -21.87 -13.77
C THR B 281 -25.70 -21.60 -14.49
N LEU B 282 -25.04 -20.52 -14.09
CA LEU B 282 -23.81 -20.07 -14.73
C LEU B 282 -22.65 -20.72 -14.00
N SER B 283 -21.84 -21.46 -14.75
CA SER B 283 -20.61 -22.06 -14.23
C SER B 283 -19.42 -21.40 -14.93
N VAL B 284 -18.46 -20.91 -14.15
CA VAL B 284 -17.18 -20.35 -14.66
C VAL B 284 -16.07 -20.88 -13.72
N ASP B 285 -14.93 -21.25 -14.29
N ASP B 285 -15.01 -21.39 -14.31
CA ASP B 285 -13.92 -22.17 -13.66
CA ASP B 285 -13.94 -22.15 -13.61
C ASP B 285 -14.32 -22.93 -12.37
C ASP B 285 -14.37 -22.91 -12.35
N GLY B 286 -15.07 -24.02 -12.56
CA GLY B 286 -15.48 -24.87 -11.47
C GLY B 286 -16.49 -24.36 -10.47
N GLN B 287 -16.86 -23.08 -10.55
CA GLN B 287 -17.81 -22.57 -9.56
C GLN B 287 -19.09 -22.01 -10.19
N ALA B 288 -20.22 -22.28 -9.53
CA ALA B 288 -21.45 -21.60 -9.81
C ALA B 288 -21.22 -20.10 -9.53
N ILE B 289 -21.96 -19.27 -10.28
CA ILE B 289 -21.78 -17.84 -10.20
C ILE B 289 -23.14 -17.32 -9.84
N SER B 290 -23.24 -16.62 -8.72
CA SER B 290 -24.55 -16.08 -8.33
C SER B 290 -24.70 -14.58 -8.57
N VAL B 291 -23.60 -13.86 -8.62
CA VAL B 291 -23.61 -12.38 -8.88
C VAL B 291 -22.56 -12.08 -9.99
N VAL B 292 -22.94 -11.37 -11.06
CA VAL B 292 -21.97 -10.96 -12.09
C VAL B 292 -21.82 -9.44 -11.90
N TYR B 293 -20.65 -9.07 -11.39
CA TYR B 293 -20.35 -7.67 -11.03
C TYR B 293 -19.59 -7.10 -12.21
N PHE B 294 -20.20 -6.15 -12.93
CA PHE B 294 -19.55 -5.60 -14.10
C PHE B 294 -18.51 -4.54 -13.76
N ARG B 295 -17.25 -4.73 -14.16
CA ARG B 295 -16.23 -3.66 -14.10
C ARG B 295 -15.62 -3.50 -15.50
N ALA B 296 -16.40 -3.96 -16.48
CA ALA B 296 -16.08 -3.85 -17.89
C ALA B 296 -17.43 -3.84 -18.64
N GLY B 297 -17.41 -3.72 -19.97
CA GLY B 297 -18.62 -3.99 -20.77
C GLY B 297 -19.45 -2.75 -21.06
N TYR B 298 -19.00 -1.62 -20.53
CA TYR B 298 -19.72 -0.34 -20.67
C TYR B 298 -19.26 0.41 -21.95
N THR B 299 -18.19 -0.08 -22.56
CA THR B 299 -17.50 0.60 -23.68
C THR B 299 -17.23 -0.34 -24.87
N PRO B 300 -17.47 0.17 -26.11
CA PRO B 300 -17.25 -0.71 -27.25
C PRO B 300 -15.83 -1.25 -27.30
N LYS B 301 -14.84 -0.55 -26.77
CA LYS B 301 -13.47 -1.09 -26.83
C LYS B 301 -13.41 -2.44 -26.11
N ASP B 302 -14.40 -2.70 -25.27
CA ASP B 302 -14.47 -3.93 -24.51
C ASP B 302 -15.00 -5.12 -25.32
N TYR B 303 -15.46 -4.85 -26.54
CA TYR B 303 -16.02 -5.92 -27.41
C TYR B 303 -15.30 -6.02 -28.78
N PRO B 304 -14.01 -6.41 -28.75
CA PRO B 304 -13.26 -6.37 -30.03
C PRO B 304 -13.77 -7.41 -31.06
N SER B 305 -14.43 -8.46 -30.57
CA SER B 305 -14.94 -9.51 -31.42
C SER B 305 -16.35 -9.94 -31.01
N GLU B 306 -16.94 -10.83 -31.80
CA GLU B 306 -18.16 -11.53 -31.38
C GLU B 306 -18.04 -12.35 -30.09
N SER B 307 -16.82 -12.75 -29.70
CA SER B 307 -16.68 -13.51 -28.46
C SER B 307 -17.26 -12.73 -27.29
N GLU B 308 -16.88 -11.47 -27.17
CA GLU B 308 -17.32 -10.67 -26.01
C GLU B 308 -18.83 -10.46 -26.03
N TRP B 309 -19.40 -10.33 -27.23
CA TRP B 309 -20.86 -10.11 -27.38
C TRP B 309 -21.60 -11.38 -26.98
N ARG B 310 -21.01 -12.52 -27.34
CA ARG B 310 -21.50 -13.83 -26.93
C ARG B 310 -21.50 -14.03 -25.40
N ALA B 311 -20.42 -13.61 -24.73
CA ALA B 311 -20.32 -13.74 -23.27
C ALA B 311 -21.32 -12.84 -22.56
N ARG B 312 -21.48 -11.62 -23.04
CA ARG B 312 -22.50 -10.74 -22.41
C ARG B 312 -23.93 -11.32 -22.44
N LEU B 313 -24.31 -11.83 -23.60
CA LEU B 313 -25.65 -12.47 -23.78
C LEU B 313 -25.79 -13.68 -22.87
N LEU B 314 -24.78 -14.54 -22.88
CA LEU B 314 -24.80 -15.77 -22.10
C LEU B 314 -25.09 -15.44 -20.67
N MET B 315 -24.33 -14.49 -20.15
CA MET B 315 -24.40 -14.15 -18.74
C MET B 315 -25.75 -13.50 -18.47
N GLU B 316 -26.17 -12.62 -19.38
CA GLU B 316 -27.50 -12.02 -19.22
C GLU B 316 -28.64 -13.08 -19.18
N GLN B 317 -28.56 -14.08 -20.07
CA GLN B 317 -29.56 -15.15 -20.10
C GLN B 317 -29.47 -16.11 -18.91
N SER B 318 -28.34 -16.12 -18.21
N SER B 318 -28.32 -16.17 -18.25
CA SER B 318 -28.17 -16.95 -17.02
CA SER B 318 -28.11 -17.08 -17.12
C SER B 318 -29.04 -16.44 -15.89
C SER B 318 -29.13 -16.81 -16.04
N SER B 319 -29.23 -17.30 -14.89
N SER B 319 -28.90 -17.37 -14.86
CA SER B 319 -29.99 -16.92 -13.69
CA SER B 319 -29.79 -17.16 -13.71
C SER B 319 -29.18 -16.07 -12.71
C SER B 319 -29.16 -16.17 -12.74
N ALA B 320 -27.84 -16.05 -12.82
CA ALA B 320 -27.06 -15.10 -12.00
C ALA B 320 -27.65 -13.71 -11.94
N ILE B 321 -27.40 -13.03 -10.83
CA ILE B 321 -27.83 -11.64 -10.64
C ILE B 321 -26.78 -10.75 -11.30
N LYS B 322 -27.19 -9.89 -12.23
CA LYS B 322 -26.28 -8.99 -12.90
C LYS B 322 -26.26 -7.65 -12.19
N CYS B 323 -25.04 -7.21 -11.89
CA CYS B 323 -24.80 -5.90 -11.33
C CYS B 323 -24.18 -5.01 -12.40
N PRO B 324 -25.02 -4.35 -13.23
CA PRO B 324 -26.46 -4.40 -13.36
C PRO B 324 -26.88 -5.19 -14.59
N THR B 325 -28.20 -5.24 -14.78
CA THR B 325 -28.81 -5.83 -15.94
C THR B 325 -28.63 -4.91 -17.15
N ILE B 326 -28.93 -5.46 -18.32
CA ILE B 326 -28.88 -4.76 -19.60
C ILE B 326 -29.84 -3.57 -19.61
N SER B 327 -31.02 -3.74 -19.05
CA SER B 327 -31.99 -2.65 -18.91
C SER B 327 -31.42 -1.46 -18.10
N TYR B 328 -30.72 -1.73 -17.00
CA TYR B 328 -30.00 -0.64 -16.27
C TYR B 328 -28.93 0.01 -17.13
N HIS B 329 -28.16 -0.82 -17.81
CA HIS B 329 -27.15 -0.29 -18.65
C HIS B 329 -27.76 0.69 -19.65
N LEU B 330 -28.86 0.27 -20.27
CA LEU B 330 -29.53 1.15 -21.21
C LEU B 330 -30.07 2.44 -20.59
N VAL B 331 -30.54 2.40 -19.35
CA VAL B 331 -30.99 3.63 -18.66
C VAL B 331 -29.85 4.66 -18.56
N GLY B 332 -28.62 4.18 -18.34
CA GLY B 332 -27.48 5.11 -18.27
C GLY B 332 -27.04 5.75 -19.57
N THR B 333 -27.59 5.34 -20.71
CA THR B 333 -27.13 5.89 -21.96
C THR B 333 -27.43 7.38 -22.08
N LYS B 334 -26.57 8.07 -22.84
N LYS B 334 -26.56 8.08 -22.84
CA LYS B 334 -26.75 9.50 -23.14
CA LYS B 334 -26.72 9.49 -23.22
C LYS B 334 -28.14 9.81 -23.73
C LYS B 334 -28.15 9.77 -23.68
N LYS B 335 -28.65 8.93 -24.60
CA LYS B 335 -29.98 9.14 -25.21
C LYS B 335 -31.12 9.11 -24.20
N ILE B 336 -31.11 8.12 -23.31
CA ILE B 336 -32.13 7.98 -22.28
C ILE B 336 -32.01 9.11 -21.25
N GLN B 337 -30.79 9.56 -20.99
CA GLN B 337 -30.62 10.63 -20.04
C GLN B 337 -31.17 11.95 -20.61
N GLN B 338 -30.93 12.19 -21.89
CA GLN B 338 -31.49 13.37 -22.54
C GLN B 338 -33.00 13.32 -22.54
N GLU B 339 -33.52 12.17 -22.95
CA GLU B 339 -34.97 11.99 -23.01
C GLU B 339 -35.65 12.32 -21.66
N LEU B 340 -35.17 11.71 -20.58
CA LEU B 340 -35.64 11.97 -19.21
C LEU B 340 -35.72 13.44 -18.83
N ALA B 341 -34.71 14.20 -19.28
CA ALA B 341 -34.58 15.62 -18.88
C ALA B 341 -35.58 16.53 -19.62
N LYS B 342 -36.18 16.03 -20.70
CA LYS B 342 -37.22 16.78 -21.44
C LYS B 342 -38.48 17.00 -20.56
N PRO B 343 -39.25 18.11 -20.83
CA PRO B 343 -40.46 18.38 -20.03
C PRO B 343 -41.43 17.20 -19.96
N GLY B 344 -41.94 16.92 -18.77
CA GLY B 344 -42.98 15.88 -18.66
C GLY B 344 -42.44 14.46 -18.56
N VAL B 345 -41.29 14.20 -19.21
CA VAL B 345 -40.77 12.84 -19.30
C VAL B 345 -40.38 12.23 -17.93
N LEU B 346 -39.43 12.86 -17.23
CA LEU B 346 -39.02 12.48 -15.84
C LEU B 346 -40.25 12.10 -14.98
N GLU B 347 -41.25 12.98 -14.99
CA GLU B 347 -42.50 12.81 -14.22
C GLU B 347 -43.29 11.51 -14.50
N ARG B 348 -43.03 10.85 -15.63
CA ARG B 348 -43.72 9.61 -15.94
C ARG B 348 -43.12 8.43 -15.18
N PHE B 349 -42.01 8.69 -14.48
CA PHE B 349 -41.31 7.56 -13.88
C PHE B 349 -41.09 7.74 -12.38
N VAL B 350 -41.83 8.68 -11.79
CA VAL B 350 -41.68 9.05 -10.41
C VAL B 350 -43.07 9.46 -9.95
N GLU B 351 -43.50 8.89 -8.83
CA GLU B 351 -44.80 9.14 -8.22
C GLU B 351 -44.66 10.26 -7.23
N ASN B 352 -43.59 10.18 -6.44
CA ASN B 352 -43.41 10.98 -5.28
C ASN B 352 -43.15 12.42 -5.69
N LYS B 353 -43.92 13.36 -5.14
CA LYS B 353 -43.91 14.73 -5.60
C LYS B 353 -42.68 15.40 -5.10
N ASP B 354 -42.20 14.97 -3.93
CA ASP B 354 -41.06 15.66 -3.38
C ASP B 354 -39.81 15.28 -4.16
N HIS B 355 -39.82 14.06 -4.69
CA HIS B 355 -38.70 13.48 -5.40
C HIS B 355 -38.64 14.13 -6.76
N ILE B 356 -39.81 14.25 -7.43
CA ILE B 356 -39.92 15.01 -8.68
C ILE B 356 -39.29 16.41 -8.51
N ALA B 357 -39.65 17.11 -7.45
CA ALA B 357 -39.09 18.42 -7.17
C ALA B 357 -37.55 18.41 -7.04
N LYS B 358 -37.05 17.41 -6.31
CA LYS B 358 -35.62 17.33 -6.01
C LYS B 358 -34.91 16.96 -7.29
N LEU B 359 -35.49 16.06 -8.06
CA LEU B 359 -34.90 15.63 -9.36
C LEU B 359 -34.82 16.79 -10.35
N ARG B 360 -35.96 17.45 -10.59
CA ARG B 360 -35.97 18.69 -11.40
C ARG B 360 -34.98 19.81 -10.95
N ALA B 361 -34.77 19.95 -9.65
CA ALA B 361 -33.85 20.97 -9.15
C ALA B 361 -32.39 20.70 -9.68
N CYS B 362 -32.04 19.42 -9.75
CA CYS B 362 -30.69 19.09 -10.16
C CYS B 362 -30.58 18.90 -11.66
N PHE B 363 -31.71 18.88 -12.39
CA PHE B 363 -31.65 18.61 -13.83
C PHE B 363 -31.42 19.95 -14.56
N ALA B 364 -30.39 19.99 -15.40
CA ALA B 364 -30.26 21.03 -16.38
C ALA B 364 -31.38 20.95 -17.46
N GLY B 365 -32.04 22.08 -17.69
CA GLY B 365 -33.05 22.16 -18.74
C GLY B 365 -32.56 21.59 -20.04
N LEU B 366 -33.43 20.87 -20.72
CA LEU B 366 -33.09 20.26 -21.99
C LEU B 366 -34.38 20.23 -22.81
N TRP B 367 -34.27 20.60 -24.08
CA TRP B 367 -35.45 20.68 -24.94
C TRP B 367 -35.25 20.29 -26.36
N SER B 368 -36.33 19.76 -26.92
CA SER B 368 -36.39 19.64 -28.35
C SER B 368 -36.55 20.96 -29.15
N LEU B 369 -37.75 21.60 -28.88
CA LEU B 369 -38.37 22.59 -29.78
C LEU B 369 -39.81 23.21 -29.40
N GLU B 370 -40.05 23.58 -28.11
CA GLU B 370 -41.17 24.52 -27.87
C GLU B 370 -40.37 25.84 -28.19
N ASP B 371 -40.86 26.62 -29.22
CA ASP B 371 -40.22 27.87 -29.72
C ASP B 371 -40.03 28.92 -28.65
N SER B 372 -40.90 28.80 -27.67
CA SER B 372 -40.95 29.71 -26.59
C SER B 372 -39.72 29.69 -25.73
N ASP B 373 -39.26 28.52 -25.28
CA ASP B 373 -38.07 28.51 -24.41
C ASP B 373 -36.92 28.08 -25.24
N ILE B 374 -37.30 26.94 -25.85
CA ILE B 374 -36.56 26.20 -26.83
C ILE B 374 -36.53 27.04 -28.03
N VAL B 375 -36.76 28.30 -27.78
CA VAL B 375 -36.09 29.11 -28.72
C VAL B 375 -36.12 30.61 -28.55
N LYS B 376 -37.27 31.20 -28.27
CA LYS B 376 -37.31 32.66 -28.10
C LYS B 376 -36.43 33.13 -26.94
N LYS B 377 -36.42 32.36 -25.86
CA LYS B 377 -35.57 32.68 -24.71
C LYS B 377 -34.10 32.56 -25.07
N ALA B 378 -33.77 31.55 -25.90
CA ALA B 378 -32.37 31.30 -26.29
C ALA B 378 -31.91 32.37 -27.31
N ILE B 379 -32.77 32.78 -28.25
CA ILE B 379 -32.43 33.94 -29.12
C ILE B 379 -32.22 35.25 -28.32
N GLU B 380 -33.00 35.48 -27.27
CA GLU B 380 -32.63 36.57 -26.39
C GLU B 380 -31.59 35.87 -25.49
N ASN B 381 -30.56 36.47 -25.00
CA ASN B 381 -29.78 35.61 -24.03
C ASN B 381 -29.19 34.23 -24.48
N PRO B 382 -28.59 34.15 -25.69
CA PRO B 382 -27.99 32.92 -26.22
C PRO B 382 -26.83 32.46 -25.36
N GLU B 383 -26.27 33.38 -24.58
CA GLU B 383 -25.21 33.10 -23.62
C GLU B 383 -25.62 32.09 -22.56
N LEU B 384 -26.91 31.84 -22.37
CA LEU B 384 -27.35 31.00 -21.25
C LEU B 384 -27.70 29.58 -21.74
N PHE B 385 -27.41 29.31 -23.03
CA PHE B 385 -27.87 28.10 -23.67
C PHE B 385 -26.75 27.44 -24.49
N VAL B 386 -26.95 26.19 -24.90
CA VAL B 386 -26.02 25.52 -25.80
C VAL B 386 -26.82 24.54 -26.63
N MET B 387 -26.51 24.40 -27.90
CA MET B 387 -27.16 23.33 -28.65
C MET B 387 -26.16 22.16 -28.74
N LYS B 388 -26.62 20.92 -28.63
CA LYS B 388 -25.71 19.72 -28.65
C LYS B 388 -26.34 18.66 -29.49
N PRO B 389 -25.54 17.88 -30.25
CA PRO B 389 -26.11 16.72 -30.97
C PRO B 389 -26.74 15.70 -30.02
N GLN B 390 -27.77 14.98 -30.45
CA GLN B 390 -28.43 14.01 -29.56
C GLN B 390 -27.52 12.81 -29.37
N ARG B 391 -26.40 12.81 -30.10
CA ARG B 391 -25.45 11.70 -30.07
C ARG B 391 -24.08 12.16 -29.60
N GLY B 395 -21.31 16.16 -34.07
CA GLY B 395 -21.04 17.55 -34.49
C GLY B 395 -20.79 18.46 -33.29
N ASN B 396 -20.20 19.64 -33.55
CA ASN B 396 -19.70 20.55 -32.50
C ASN B 396 -20.87 21.09 -31.69
N ASN B 397 -20.61 21.57 -30.49
CA ASN B 397 -21.66 22.21 -29.72
C ASN B 397 -21.82 23.60 -30.33
N ILE B 398 -22.99 24.21 -30.13
CA ILE B 398 -23.20 25.54 -30.63
C ILE B 398 -23.55 26.51 -29.48
N TYR B 399 -22.83 27.65 -29.43
CA TYR B 399 -23.01 28.68 -28.37
C TYR B 399 -23.00 30.15 -28.87
N GLY B 400 -23.09 31.17 -27.98
CA GLY B 400 -23.00 32.63 -28.28
C GLY B 400 -23.88 33.19 -29.44
N ASP B 401 -23.23 33.86 -30.39
CA ASP B 401 -23.86 34.46 -31.55
C ASP B 401 -24.27 33.33 -32.51
N GLU B 402 -23.48 32.25 -32.62
CA GLU B 402 -23.88 31.20 -33.56
C GLU B 402 -25.31 30.79 -33.37
N LEU B 403 -25.39 30.34 -31.86
CA LEU B 403 -26.68 29.79 -31.52
C LEU B 403 -27.91 30.54 -32.28
N ARG B 404 -27.64 31.68 -32.99
N ARG B 404 -27.62 31.69 -32.95
CA ARG B 404 -28.42 32.26 -34.20
CA ARG B 404 -28.38 32.25 -34.15
C ARG B 404 -28.80 31.25 -35.34
C ARG B 404 -28.72 31.27 -35.32
N GLU B 405 -28.48 30.01 -35.06
CA GLU B 405 -29.03 28.94 -35.82
C GLU B 405 -30.50 29.02 -35.52
N THR B 406 -30.87 29.50 -34.33
CA THR B 406 -32.28 29.33 -33.97
C THR B 406 -33.18 30.37 -34.67
N LEU B 407 -32.64 31.56 -34.98
CA LEU B 407 -33.35 32.59 -35.79
C LEU B 407 -33.69 32.00 -37.14
N LEU B 408 -32.66 31.23 -37.66
CA LEU B 408 -32.61 30.32 -38.80
C LEU B 408 -33.76 29.32 -38.86
N LYS B 409 -34.11 28.79 -37.70
CA LYS B 409 -35.20 27.80 -37.58
C LYS B 409 -36.53 28.50 -37.86
N LEU B 410 -36.42 29.78 -38.20
CA LEU B 410 -37.56 30.63 -38.54
C LEU B 410 -38.54 30.77 -37.37
N GLN B 411 -38.11 30.64 -36.14
CA GLN B 411 -38.91 31.26 -35.05
C GLN B 411 -38.21 31.35 -33.69
N ALA B 419 -23.01 19.84 -36.71
CA ALA B 419 -24.31 19.38 -36.29
C ALA B 419 -24.57 19.59 -34.76
N ALA B 420 -25.80 19.41 -34.32
CA ALA B 420 -26.13 19.73 -32.94
C ALA B 420 -27.64 20.00 -32.80
N TYR B 421 -28.36 19.05 -32.13
CA TYR B 421 -29.85 19.13 -31.96
C TYR B 421 -30.42 18.59 -30.66
N ILE B 422 -30.89 19.53 -29.91
CA ILE B 422 -31.50 19.58 -28.63
C ILE B 422 -30.78 20.77 -28.08
N LEU B 423 -31.54 21.54 -27.38
CA LEU B 423 -31.16 22.77 -26.72
C LEU B 423 -31.04 22.45 -25.23
N MET B 424 -30.02 22.96 -24.55
CA MET B 424 -29.99 22.85 -23.14
C MET B 424 -29.55 24.12 -22.45
N GLN B 425 -29.83 24.15 -21.16
CA GLN B 425 -29.28 25.14 -20.26
C GLN B 425 -27.77 25.05 -20.20
N ARG B 426 -27.11 26.17 -20.40
CA ARG B 426 -25.68 26.22 -20.28
C ARG B 426 -25.28 26.19 -18.81
N ILE B 427 -24.28 25.39 -18.49
CA ILE B 427 -23.66 25.32 -17.20
C ILE B 427 -22.33 26.10 -17.24
N PHE B 428 -22.10 26.87 -16.18
CA PHE B 428 -20.88 27.63 -16.03
C PHE B 428 -20.17 27.08 -14.77
N PRO B 429 -19.12 26.29 -14.90
CA PRO B 429 -18.55 25.59 -13.73
C PRO B 429 -17.85 26.49 -12.68
N ALA B 430 -17.91 26.13 -11.41
CA ALA B 430 -17.28 26.82 -10.29
C ALA B 430 -15.85 26.36 -10.10
N THR B 431 -14.93 27.01 -10.77
CA THR B 431 -13.53 26.69 -10.68
C THR B 431 -12.90 27.13 -9.38
N SER B 432 -11.67 26.64 -9.15
CA SER B 432 -10.92 26.93 -7.93
C SER B 432 -9.41 26.72 -8.08
N PRO B 433 -8.58 27.35 -7.26
CA PRO B 433 -7.14 27.17 -7.36
C PRO B 433 -6.70 25.84 -6.72
N ALA B 434 -5.98 25.03 -7.49
CA ALA B 434 -5.56 23.71 -7.03
C ALA B 434 -4.06 23.48 -7.14
N ILE B 435 -3.53 22.58 -6.30
CA ILE B 435 -2.24 21.99 -6.53
C ILE B 435 -2.47 20.57 -7.08
N LEU B 436 -1.93 20.31 -8.27
CA LEU B 436 -2.14 19.02 -8.93
C LEU B 436 -0.85 18.21 -8.86
N VAL B 437 -0.94 16.94 -8.48
CA VAL B 437 0.24 16.16 -8.27
C VAL B 437 0.15 15.03 -9.26
N ARG B 438 1.18 14.92 -10.09
CA ARG B 438 1.21 13.92 -11.15
C ARG B 438 2.62 13.36 -11.30
N ASP B 439 2.73 12.04 -11.33
CA ASP B 439 4.02 11.33 -11.40
C ASP B 439 5.04 11.97 -10.47
N GLY B 440 4.61 12.24 -9.25
CA GLY B 440 5.50 12.76 -8.22
C GLY B 440 5.88 14.22 -8.35
N ASN B 441 5.33 14.94 -9.32
CA ASN B 441 5.58 16.35 -9.46
C ASN B 441 4.28 17.10 -9.30
N TRP B 442 4.38 18.35 -8.88
CA TRP B 442 3.24 19.14 -8.62
C TRP B 442 3.30 20.41 -9.47
N ASP B 443 2.12 20.92 -9.80
CA ASP B 443 1.96 22.26 -10.34
C ASP B 443 0.65 22.91 -9.87
N THR B 444 0.56 24.23 -10.06
CA THR B 444 -0.66 24.96 -9.77
C THR B 444 -1.56 24.94 -11.02
N GLY B 445 -2.86 25.01 -10.80
CA GLY B 445 -3.83 25.05 -11.87
C GLY B 445 -5.10 25.63 -11.28
N HIS B 446 -6.02 26.02 -12.17
CA HIS B 446 -7.36 26.47 -11.81
C HIS B 446 -8.34 25.42 -12.30
N VAL B 447 -9.19 24.87 -11.43
CA VAL B 447 -9.87 23.63 -11.79
C VAL B 447 -11.34 23.64 -11.52
N ILE B 448 -12.01 22.71 -12.21
CA ILE B 448 -13.41 22.49 -11.96
C ILE B 448 -13.51 21.08 -11.32
N SER B 449 -14.53 20.85 -10.49
CA SER B 449 -14.69 19.55 -9.88
C SER B 449 -16.05 18.96 -10.24
N GLU B 450 -16.10 17.63 -10.32
CA GLU B 450 -17.30 16.85 -10.60
C GLU B 450 -17.44 15.86 -9.43
N ALA B 451 -18.48 16.01 -8.62
CA ALA B 451 -18.64 15.20 -7.43
C ALA B 451 -19.47 14.02 -7.78
N GLY B 452 -18.96 12.82 -7.50
CA GLY B 452 -19.66 11.65 -7.93
C GLY B 452 -20.20 10.95 -6.71
N ILE B 453 -21.53 10.88 -6.59
CA ILE B 453 -22.22 10.20 -5.46
C ILE B 453 -22.71 8.79 -5.81
N PHE B 454 -22.14 7.79 -5.13
CA PHE B 454 -22.48 6.41 -5.42
C PHE B 454 -23.80 6.08 -4.73
N GLY B 455 -24.60 5.23 -5.35
CA GLY B 455 -25.82 4.77 -4.72
C GLY B 455 -25.68 3.30 -4.79
N THR B 456 -26.23 2.61 -3.80
CA THR B 456 -26.34 1.17 -3.85
C THR B 456 -27.77 0.78 -3.64
N TYR B 457 -28.17 -0.28 -4.35
CA TYR B 457 -29.57 -0.66 -4.36
C TYR B 457 -29.72 -2.13 -4.56
N LEU B 458 -30.66 -2.69 -3.83
CA LEU B 458 -30.96 -4.09 -4.04
C LEU B 458 -32.40 -4.34 -3.64
N ARG B 459 -33.13 -5.23 -4.36
CA ARG B 459 -34.50 -5.61 -4.00
C ARG B 459 -34.87 -7.11 -4.26
N ASN B 460 -35.84 -7.63 -3.43
CA ASN B 460 -36.43 -8.95 -3.65
C ASN B 460 -37.83 -8.60 -4.19
N LYS B 461 -38.87 -9.38 -4.26
CA LYS B 461 -39.92 -8.84 -5.19
C LYS B 461 -40.72 -7.54 -4.93
N ASP B 462 -40.79 -7.16 -3.74
CA ASP B 462 -41.33 -5.84 -3.55
C ASP B 462 -40.59 -5.35 -2.29
N LYS B 463 -39.71 -6.18 -1.78
CA LYS B 463 -38.90 -5.80 -0.63
C LYS B 463 -37.64 -5.09 -1.13
N ILE B 464 -37.35 -3.92 -0.57
CA ILE B 464 -36.17 -3.17 -0.92
C ILE B 464 -35.20 -3.38 0.20
N ILE B 465 -34.17 -4.19 -0.05
CA ILE B 465 -33.17 -4.54 0.96
C ILE B 465 -32.15 -3.39 1.18
N ILE B 466 -31.68 -2.79 0.08
CA ILE B 466 -30.73 -1.71 0.16
C ILE B 466 -31.25 -0.61 -0.74
N ASN B 467 -31.19 0.60 -0.24
CA ASN B 467 -31.38 1.76 -1.13
C ASN B 467 -30.69 2.93 -0.56
N ASN B 468 -29.37 3.01 -0.84
CA ASN B 468 -28.50 3.83 -0.01
C ASN B 468 -27.74 4.85 -0.85
N GLU B 469 -27.56 6.05 -0.29
CA GLU B 469 -26.40 6.83 -0.56
C GLU B 469 -25.19 6.03 -0.05
N SER B 470 -24.15 5.87 -0.89
CA SER B 470 -23.01 5.02 -0.45
C SER B 470 -21.64 5.67 -0.80
N GLY B 471 -21.37 6.83 -0.21
CA GLY B 471 -20.05 7.47 -0.35
C GLY B 471 -19.85 8.19 -1.70
N TYR B 472 -18.62 8.59 -1.99
CA TYR B 472 -18.36 9.52 -3.09
C TYR B 472 -16.95 9.41 -3.62
N MET B 473 -16.74 10.06 -4.76
CA MET B 473 -15.42 10.30 -5.35
C MET B 473 -15.50 11.72 -5.90
N VAL B 474 -14.37 12.32 -6.22
CA VAL B 474 -14.42 13.65 -6.88
C VAL B 474 -13.39 13.59 -7.99
N ARG B 475 -13.76 14.10 -9.16
CA ARG B 475 -12.82 14.21 -10.30
C ARG B 475 -12.59 15.67 -10.60
N THR B 476 -11.34 16.09 -10.61
CA THR B 476 -11.03 17.50 -10.69
C THR B 476 -10.21 17.68 -11.98
N LYS B 477 -10.57 18.67 -12.78
CA LYS B 477 -9.72 18.92 -13.95
C LYS B 477 -9.47 20.40 -14.28
N ILE B 478 -8.40 20.67 -15.02
CA ILE B 478 -8.03 22.05 -15.38
C ILE B 478 -9.21 22.83 -15.99
N SER B 479 -9.44 24.03 -15.46
CA SER B 479 -10.28 25.11 -16.03
C SER B 479 -10.55 24.99 -17.53
N SER B 480 -9.46 24.92 -18.30
CA SER B 480 -9.48 24.40 -19.67
C SER B 480 -10.51 23.28 -19.87
N GLY B 491 -8.37 13.66 -15.65
CA GLY B 491 -7.97 14.84 -14.81
C GLY B 491 -7.33 14.34 -13.52
N VAL B 492 -7.70 14.81 -12.34
CA VAL B 492 -7.08 14.22 -11.10
C VAL B 492 -8.17 13.88 -10.10
N VAL B 493 -7.82 13.06 -9.09
CA VAL B 493 -8.81 12.65 -8.05
C VAL B 493 -8.81 13.62 -6.83
N ASP B 494 -9.92 13.71 -6.11
CA ASP B 494 -10.08 14.83 -5.16
C ASP B 494 -11.09 14.45 -4.08
N THR B 495 -11.41 15.44 -3.18
CA THR B 495 -12.57 15.36 -2.33
C THR B 495 -13.17 16.76 -2.35
N VAL B 496 -13.95 17.12 -1.33
CA VAL B 496 -14.50 18.49 -1.25
C VAL B 496 -14.28 18.94 0.17
N TYR B 497 -14.38 20.26 0.42
CA TYR B 497 -14.35 20.80 1.76
C TYR B 497 -15.73 21.43 2.02
N LEU B 498 -16.48 20.92 3.00
CA LEU B 498 -17.85 21.38 3.07
C LEU B 498 -17.97 22.86 3.47
N THR B 499 -18.73 23.53 2.61
CA THR B 499 -19.16 24.95 2.61
C THR B 499 -18.33 25.98 1.94
#